data_3BVU
#
_entry.id   3BVU
#
_cell.length_a   68.992
_cell.length_b   109.786
_cell.length_c   139.049
_cell.angle_alpha   90.000
_cell.angle_beta   90.000
_cell.angle_gamma   90.000
#
_symmetry.space_group_name_H-M   'P 21 21 21'
#
loop_
_entity.id
_entity.type
_entity.pdbx_description
1 polymer 'Alpha-mannosidase 2'
2 branched 'alpha-D-mannopyranose-(1-3)-[alpha-D-mannopyranose-(1-6)]methyl 3-thio-alpha-D-mannopyranoside'
3 non-polymer 2-acetamido-2-deoxy-beta-D-glucopyranose
4 non-polymer 'PHOSPHATE ION'
5 non-polymer 'ZINC ION'
6 non-polymer (4R)-2-METHYLPENTANE-2,4-DIOL
7 water water
#
_entity_poly.entity_id   1
_entity_poly.type   'polypeptide(L)'
_entity_poly.pdbx_seq_one_letter_code
;RSSHHHHHHGEFDDPIRPPLKVARSPRPGQCQDVVQDVPNVDVQMLELYDRMSFKDIDGGVWKQGWNIKYDPLKYNAHHK
LKVFVVPHSHNDPGWIQTFEEYYQHDTKHILSNALRHLHDNPEMKFIWAEISYFARFYHDLGENKKLQMKSIVKNGQLEF
VTGGWVMPDEANSHWRNVLLQLTEGQTWLKQFMNVTPTASWAIAPFGHSPTMPYILQKSGFKNMLIQRTHYSVKKELAQQ
RQLEFLWRQIWDNKGDTALFTHMMPFYSYDIPHTCGPDPKVCCQFDFKRMGSFGLSCPWKVPPRTISDQNVAARSDLLVD
QWKKKAELYRTNVLLIPLGDDFRFKQNTEWDVQRVNYERLFEHINSQAHFNVQAQFGTLQEYFDAVHQAERAGQAEFPTL
SGDFFTYADRSDNYWSGYYTSRPYHKRMDRVLMHYVRAAEMLSAWHSWDGMARIEERLEQARRELSLFQHHDGITGTAKT
HVVVDYEQRMQEALKACQMVMQQSVYRLLTKPSIYSPDFSFSYFTLDDSRWPGSGVEDSRTTIILGEDILPSKHVVMHNT
LPHWREQLVDFYVSSPFVSVTDLANNPVEAQVSPVWSWHHDTLTKTIHPQGSTTKYRIIFKARVPPMGLATYVLTISDSK
PEHTSYASNLLLRKNPTSLPLGQYPEDVKFGDPREISLRVGNGPTLAFSEQGLLKSIQLTQDSPHVPVHFKFLKYGVRSH
GDRSGAYLFLPNGPASPVELGQPVVLVTKGKLESSVSVGLPSVVHQTIMRGGAPEIRNLVDIGSLDNTEIVMRLETHIDS
GDIFYTDLNGLQFIKRRRLDKLPLQANYYPIPSGMFIEDANTRLTLLTGQPLGGSSLASGELEIMQDRRLASDDERGLGQ
GVLDNKPVLHIYRLVLEKVNNCVRPSKLHPAGYLTSAAHKASQSLLDPLDKFIFAENEWIGAQGQFGGDHPSAREDLDVS
VMRRLTKSSAKTQRVGYVLHRTNLMQCGTPEEHTQKLDVCHLLPNVARCERTTLTFLQNLEHLDGMVAPEVCPMETAAYV
SSHSS
;
_entity_poly.pdbx_strand_id   A
#
# COMPACT_ATOMS: atom_id res chain seq x y z
N CYS A 31 -23.42 -7.22 15.23
CA CYS A 31 -22.67 -6.64 14.16
C CYS A 31 -23.49 -5.66 13.35
N GLN A 32 -22.91 -4.53 12.99
CA GLN A 32 -23.60 -3.59 12.11
C GLN A 32 -23.67 -4.18 10.73
N ASP A 33 -24.74 -3.90 10.02
CA ASP A 33 -24.92 -4.30 8.63
C ASP A 33 -24.23 -3.27 7.73
N VAL A 34 -23.26 -3.71 6.96
CA VAL A 34 -22.41 -2.84 6.14
C VAL A 34 -22.92 -2.74 4.69
N VAL A 35 -24.02 -3.38 4.39
CA VAL A 35 -24.59 -3.40 3.08
C VAL A 35 -25.89 -2.61 2.89
N GLN A 36 -26.82 -2.82 3.84
CA GLN A 36 -28.22 -2.47 3.56
C GLN A 36 -28.64 -1.13 4.14
N ASP A 37 -27.92 -0.47 4.98
CA ASP A 37 -28.27 0.81 5.58
C ASP A 37 -27.32 1.88 5.05
N VAL A 38 -27.86 2.85 4.34
CA VAL A 38 -27.00 3.93 3.85
C VAL A 38 -26.77 4.94 4.94
N PRO A 39 -25.54 5.20 5.35
CA PRO A 39 -25.32 6.16 6.43
C PRO A 39 -25.81 7.55 6.07
N ASN A 40 -26.33 8.25 7.08
CA ASN A 40 -26.71 9.64 6.99
C ASN A 40 -25.58 10.48 7.51
N VAL A 41 -24.84 11.10 6.61
CA VAL A 41 -23.73 11.99 6.97
C VAL A 41 -23.99 13.37 6.39
N ASP A 42 -23.38 14.39 7.00
CA ASP A 42 -23.53 15.75 6.49
C ASP A 42 -22.85 15.95 5.16
N VAL A 43 -21.67 15.36 4.99
CA VAL A 43 -20.86 15.47 3.78
C VAL A 43 -20.55 14.06 3.34
N GLN A 44 -20.97 13.67 2.15
CA GLN A 44 -20.61 12.39 1.53
C GLN A 44 -19.86 12.75 0.27
N MET A 45 -18.57 12.38 0.18
CA MET A 45 -17.73 12.95 -0.85
C MET A 45 -18.16 12.62 -2.26
N LEU A 46 -18.74 11.45 -2.51
CA LEU A 46 -19.21 11.17 -3.87
C LEU A 46 -20.34 12.11 -4.24
N GLU A 47 -21.27 12.36 -3.28
CA GLU A 47 -22.39 13.29 -3.51
C GLU A 47 -21.88 14.68 -3.74
N LEU A 48 -20.89 15.10 -2.92
CA LEU A 48 -20.34 16.42 -3.08
C LEU A 48 -19.73 16.58 -4.42
N TYR A 49 -18.99 15.56 -4.87
CA TYR A 49 -18.37 15.60 -6.21
C TYR A 49 -19.42 15.76 -7.33
N ASP A 50 -20.55 15.10 -7.18
CA ASP A 50 -21.58 15.15 -8.25
C ASP A 50 -22.14 16.56 -8.33
N ARG A 51 -22.23 17.26 -7.20
CA ARG A 51 -22.86 18.59 -7.12
C ARG A 51 -21.89 19.75 -7.44
N MET A 52 -20.62 19.59 -7.11
CA MET A 52 -19.63 20.67 -7.25
C MET A 52 -19.34 21.01 -8.69
N SER A 53 -19.06 22.31 -8.95
CA SER A 53 -18.72 22.76 -10.30
CA SER A 53 -18.74 22.68 -10.34
C SER A 53 -17.23 22.73 -10.62
N PHE A 54 -16.38 22.72 -9.63
CA PHE A 54 -14.92 22.70 -9.82
C PHE A 54 -14.39 23.83 -10.67
N LYS A 55 -15.02 25.01 -10.60
CA LYS A 55 -14.47 26.13 -11.42
C LYS A 55 -13.21 26.67 -10.73
N ASP A 56 -12.24 27.00 -11.57
CA ASP A 56 -10.92 27.43 -11.15
C ASP A 56 -10.80 28.93 -11.39
N ILE A 57 -11.44 29.70 -10.51
CA ILE A 57 -11.44 31.14 -10.70
C ILE A 57 -10.43 31.78 -9.75
N ASP A 58 -9.94 32.95 -10.18
CA ASP A 58 -9.02 33.73 -9.40
C ASP A 58 -9.72 34.37 -8.21
N GLY A 59 -9.42 33.91 -7.01
CA GLY A 59 -10.05 34.35 -5.80
C GLY A 59 -9.52 35.59 -5.17
N GLY A 60 -8.45 36.13 -5.75
CA GLY A 60 -7.73 37.28 -5.18
C GLY A 60 -6.45 36.77 -4.51
N VAL A 61 -6.08 37.39 -3.40
CA VAL A 61 -4.85 36.97 -2.72
C VAL A 61 -4.95 35.49 -2.27
N TRP A 62 -6.11 35.04 -1.87
CA TRP A 62 -6.36 33.61 -1.69
C TRP A 62 -6.78 33.13 -3.11
N LYS A 63 -5.79 32.66 -3.85
CA LYS A 63 -6.01 32.50 -5.29
C LYS A 63 -7.12 31.49 -5.56
N GLN A 64 -7.28 30.48 -4.71
CA GLN A 64 -8.26 29.43 -4.91
C GLN A 64 -9.46 29.54 -3.97
N GLY A 65 -9.60 30.68 -3.31
CA GLY A 65 -10.68 30.95 -2.39
C GLY A 65 -11.46 32.19 -2.77
N TRP A 66 -11.58 33.06 -1.75
CA TRP A 66 -12.34 34.32 -1.90
C TRP A 66 -11.75 35.28 -0.89
N ASN A 67 -12.12 36.55 -0.96
CA ASN A 67 -11.67 37.52 0.01
C ASN A 67 -12.45 37.39 1.32
N ILE A 68 -11.79 36.80 2.32
CA ILE A 68 -12.49 36.54 3.56
C ILE A 68 -12.75 37.84 4.35
N LYS A 69 -13.98 37.95 4.87
CA LYS A 69 -14.37 39.05 5.74
C LYS A 69 -14.75 38.52 7.12
N TYR A 70 -14.48 39.30 8.14
CA TYR A 70 -14.85 38.98 9.49
C TYR A 70 -15.39 40.24 10.19
N ASP A 71 -16.25 39.97 11.16
CA ASP A 71 -16.82 40.99 11.99
C ASP A 71 -15.85 41.21 13.14
N PRO A 72 -15.24 42.38 13.25
CA PRO A 72 -14.26 42.57 14.32
C PRO A 72 -14.90 42.42 15.69
N LEU A 73 -16.21 42.64 15.78
CA LEU A 73 -16.85 42.52 17.09
C LEU A 73 -17.10 41.09 17.48
N LYS A 74 -16.71 40.12 16.67
CA LYS A 74 -16.86 38.72 17.04
C LYS A 74 -16.09 38.37 18.30
N TYR A 75 -14.90 38.93 18.42
CA TYR A 75 -14.11 38.69 19.61
C TYR A 75 -14.13 39.89 20.50
N ASN A 76 -14.06 39.63 21.78
CA ASN A 76 -14.12 40.67 22.79
C ASN A 76 -13.51 40.08 24.04
N ALA A 77 -13.52 40.78 25.15
CA ALA A 77 -12.85 40.36 26.37
C ALA A 77 -13.38 39.03 26.86
N HIS A 78 -14.63 38.69 26.54
CA HIS A 78 -15.20 37.44 27.07
C HIS A 78 -15.11 36.31 26.08
N HIS A 79 -14.63 36.65 24.90
CA HIS A 79 -14.57 35.69 23.83
C HIS A 79 -13.38 36.00 22.96
N LYS A 80 -12.25 35.47 23.38
CA LYS A 80 -10.99 35.80 22.72
C LYS A 80 -10.68 34.71 21.72
N LEU A 81 -9.84 35.05 20.75
CA LEU A 81 -9.29 34.06 19.83
C LEU A 81 -8.03 33.50 20.44
N LYS A 82 -7.99 32.18 20.60
CA LYS A 82 -6.81 31.50 21.15
C LYS A 82 -6.02 30.93 19.99
N VAL A 83 -4.79 31.32 19.81
CA VAL A 83 -3.98 30.96 18.69
C VAL A 83 -2.79 30.10 19.12
N PHE A 84 -2.67 28.92 18.50
CA PHE A 84 -1.54 28.02 18.76
C PHE A 84 -0.63 27.99 17.57
N VAL A 85 0.57 28.53 17.71
CA VAL A 85 1.59 28.51 16.68
C VAL A 85 2.41 27.27 16.90
N VAL A 86 2.43 26.35 15.97
CA VAL A 86 2.98 25.02 16.15
C VAL A 86 4.20 24.83 15.25
N PRO A 87 5.42 24.98 15.79
CA PRO A 87 6.63 24.81 14.98
C PRO A 87 6.84 23.38 14.53
N HIS A 88 7.28 23.21 13.27
CA HIS A 88 7.41 21.87 12.71
C HIS A 88 8.49 21.87 11.65
N SER A 89 8.92 20.67 11.27
CA SER A 89 9.94 20.50 10.25
C SER A 89 9.64 19.23 9.44
N HIS A 90 9.33 19.39 8.16
CA HIS A 90 8.97 18.22 7.36
C HIS A 90 10.26 17.53 6.90
N ASN A 91 10.46 16.28 7.34
CA ASN A 91 11.68 15.54 7.04
C ASN A 91 11.36 14.30 6.25
N ASP A 92 11.63 14.30 4.97
CA ASP A 92 11.39 13.17 4.09
C ASP A 92 12.42 12.07 4.30
N PRO A 93 12.00 10.86 4.66
CA PRO A 93 12.93 9.71 4.79
C PRO A 93 13.32 9.15 3.41
N GLY A 94 14.05 9.97 2.65
CA GLY A 94 14.38 9.77 1.26
C GLY A 94 13.44 10.53 0.34
N TRP A 95 14.01 11.17 -0.67
CA TRP A 95 13.28 11.86 -1.72
C TRP A 95 14.29 12.34 -2.77
N ILE A 96 14.92 13.49 -2.56
CA ILE A 96 16.00 14.02 -3.41
C ILE A 96 17.35 13.57 -2.93
N GLN A 97 17.43 13.12 -1.70
CA GLN A 97 18.62 12.47 -1.15
CA GLN A 97 18.61 12.49 -1.11
C GLN A 97 18.13 11.19 -0.50
N THR A 98 19.02 10.27 -0.21
CA THR A 98 18.66 9.08 0.52
C THR A 98 18.38 9.42 1.98
N PHE A 99 17.75 8.49 2.68
CA PHE A 99 17.54 8.60 4.11
C PHE A 99 18.85 8.98 4.82
N GLU A 100 19.92 8.23 4.58
CA GLU A 100 21.16 8.45 5.31
C GLU A 100 21.80 9.76 4.92
N GLU A 101 21.70 10.15 3.65
CA GLU A 101 22.24 11.43 3.20
C GLU A 101 21.53 12.61 3.87
N TYR A 102 20.20 12.57 3.89
CA TYR A 102 19.46 13.63 4.60
C TYR A 102 19.77 13.61 6.08
N TYR A 103 19.90 12.43 6.67
CA TYR A 103 20.20 12.35 8.08
C TYR A 103 21.50 13.08 8.40
N GLN A 104 22.54 12.77 7.63
CA GLN A 104 23.87 13.38 7.87
C GLN A 104 23.88 14.84 7.55
N HIS A 105 23.19 15.27 6.51
CA HIS A 105 23.30 16.64 6.04
CA HIS A 105 23.31 16.67 6.06
C HIS A 105 22.36 17.60 6.78
N ASP A 106 21.21 17.07 7.19
CA ASP A 106 20.13 17.93 7.65
C ASP A 106 19.53 17.45 8.95
N THR A 107 18.94 16.25 9.01
CA THR A 107 18.09 15.88 10.11
C THR A 107 18.84 15.73 11.42
N LYS A 108 20.08 15.25 11.40
CA LYS A 108 20.77 15.12 12.70
C LYS A 108 21.00 16.51 13.30
N HIS A 109 21.19 17.51 12.45
CA HIS A 109 21.37 18.88 12.97
C HIS A 109 20.07 19.51 13.47
N ILE A 110 18.96 19.25 12.76
CA ILE A 110 17.65 19.72 13.18
C ILE A 110 17.35 19.16 14.56
N LEU A 111 17.55 17.84 14.76
CA LEU A 111 17.22 17.25 16.06
C LEU A 111 18.18 17.66 17.14
N SER A 112 19.46 17.81 16.80
CA SER A 112 20.40 18.23 17.83
CA SER A 112 20.41 18.25 17.82
C SER A 112 20.10 19.64 18.30
N ASN A 113 19.75 20.48 17.33
CA ASN A 113 19.47 21.90 17.67
C ASN A 113 18.10 22.01 18.32
N ALA A 114 17.15 21.15 17.95
CA ALA A 114 15.85 21.15 18.68
C ALA A 114 16.10 20.82 20.12
N LEU A 115 16.91 19.83 20.40
CA LEU A 115 17.16 19.45 21.78
C LEU A 115 17.73 20.61 22.53
N ARG A 116 18.76 21.28 21.99
CA ARG A 116 19.37 22.38 22.69
C ARG A 116 18.42 23.53 22.85
N HIS A 117 17.77 23.94 21.78
CA HIS A 117 16.88 25.08 21.86
CA HIS A 117 16.91 25.12 21.85
C HIS A 117 15.65 24.93 22.72
N LEU A 118 15.04 23.76 22.68
CA LEU A 118 13.90 23.52 23.56
C LEU A 118 14.35 23.44 25.01
N HIS A 119 15.46 22.74 25.26
CA HIS A 119 16.00 22.70 26.61
C HIS A 119 16.15 24.13 27.16
N ASP A 120 16.74 25.03 26.38
CA ASP A 120 17.11 26.36 26.90
C ASP A 120 15.96 27.36 26.86
N ASN A 121 14.84 27.06 26.20
CA ASN A 121 13.73 27.99 26.05
C ASN A 121 12.42 27.29 26.40
N PRO A 122 12.05 27.26 27.68
CA PRO A 122 10.96 26.40 28.11
C PRO A 122 9.60 26.62 27.48
N GLU A 123 9.30 27.77 26.93
CA GLU A 123 8.00 28.01 26.30
C GLU A 123 8.00 27.63 24.82
N MET A 124 9.15 27.36 24.24
CA MET A 124 9.23 26.93 22.84
C MET A 124 8.71 25.49 22.72
N LYS A 125 8.08 25.17 21.60
CA LYS A 125 7.48 23.90 21.30
C LYS A 125 7.91 23.44 19.89
N PHE A 126 7.75 22.15 19.64
CA PHE A 126 8.14 21.54 18.36
C PHE A 126 7.41 20.21 18.25
N ILE A 127 6.90 19.91 17.05
CA ILE A 127 6.32 18.60 16.80
C ILE A 127 7.20 17.80 15.84
N TRP A 128 7.16 16.47 16.01
CA TRP A 128 7.97 15.54 15.24
C TRP A 128 7.14 14.37 14.75
N ALA A 129 7.19 14.06 13.47
CA ALA A 129 6.38 12.96 12.88
C ALA A 129 7.16 11.69 12.55
N GLU A 130 8.36 11.79 11.98
CA GLU A 130 9.00 10.63 11.33
C GLU A 130 9.93 9.87 12.29
N ILE A 131 9.46 8.76 12.83
CA ILE A 131 10.23 8.07 13.90
C ILE A 131 11.44 7.36 13.32
N SER A 132 11.44 6.97 12.05
CA SER A 132 12.66 6.43 11.44
C SER A 132 13.88 7.32 11.73
N TYR A 133 13.71 8.62 11.50
CA TYR A 133 14.79 9.58 11.75
C TYR A 133 15.05 9.73 13.25
N PHE A 134 14.00 9.83 14.05
CA PHE A 134 14.18 10.06 15.49
C PHE A 134 14.94 8.90 16.13
N ALA A 135 14.60 7.66 15.77
CA ALA A 135 15.30 6.49 16.27
C ALA A 135 16.77 6.50 15.80
N ARG A 136 17.00 6.86 14.53
CA ARG A 136 18.34 6.95 13.97
C ARG A 136 19.22 7.93 14.79
N PHE A 137 18.61 9.05 15.20
CA PHE A 137 19.29 10.05 16.02
C PHE A 137 19.50 9.60 17.44
N TYR A 138 18.41 9.12 18.07
CA TYR A 138 18.46 8.89 19.50
CA TYR A 138 18.41 8.85 19.51
C TYR A 138 19.47 7.83 19.81
N HIS A 139 19.60 6.81 18.97
CA HIS A 139 20.52 5.75 19.35
C HIS A 139 21.93 6.25 19.22
N ASP A 140 22.21 7.35 18.54
CA ASP A 140 23.57 7.88 18.51
C ASP A 140 23.87 8.89 19.61
N LEU A 141 22.90 9.23 20.44
CA LEU A 141 23.12 10.13 21.57
C LEU A 141 23.77 9.45 22.76
N GLY A 142 24.59 10.20 23.47
CA GLY A 142 25.11 9.77 24.76
C GLY A 142 23.96 9.81 25.75
N GLU A 143 24.20 9.15 26.88
CA GLU A 143 23.15 9.04 27.91
C GLU A 143 22.73 10.39 28.40
N ASN A 144 23.61 11.30 28.56
CA ASN A 144 23.18 12.60 29.12
C ASN A 144 22.16 13.25 28.18
N LYS A 145 22.46 13.21 26.87
CA LYS A 145 21.50 13.82 25.94
C LYS A 145 20.23 12.99 25.79
N LYS A 146 20.31 11.66 25.92
CA LYS A 146 19.09 10.86 25.91
C LYS A 146 18.20 11.28 27.06
N LEU A 147 18.77 11.50 28.23
CA LEU A 147 18.00 11.97 29.37
C LEU A 147 17.43 13.38 29.13
N GLN A 148 18.23 14.29 28.53
CA GLN A 148 17.67 15.61 28.26
C GLN A 148 16.48 15.52 27.28
N MET A 149 16.61 14.64 26.30
CA MET A 149 15.56 14.47 25.29
C MET A 149 14.31 13.90 25.94
N LYS A 150 14.50 12.87 26.79
CA LYS A 150 13.32 12.32 27.46
C LYS A 150 12.59 13.38 28.28
N SER A 151 13.33 14.30 28.90
N SER A 151 13.33 14.29 28.92
CA SER A 151 12.78 15.37 29.73
CA SER A 151 12.73 15.32 29.73
C SER A 151 11.98 16.39 28.91
C SER A 151 11.94 16.35 28.89
N ILE A 152 12.43 16.81 27.73
CA ILE A 152 11.62 17.75 26.94
C ILE A 152 10.41 17.05 26.30
N VAL A 153 10.39 15.73 26.18
CA VAL A 153 9.20 15.02 25.74
C VAL A 153 8.24 14.89 26.89
N LYS A 154 8.76 14.49 28.07
CA LYS A 154 7.88 14.31 29.20
C LYS A 154 7.20 15.63 29.60
N ASN A 155 7.91 16.75 29.47
CA ASN A 155 7.35 18.04 29.87
C ASN A 155 6.50 18.65 28.77
N GLY A 156 6.39 18.04 27.61
CA GLY A 156 5.46 18.48 26.57
C GLY A 156 6.00 19.48 25.58
N GLN A 157 7.29 19.82 25.64
CA GLN A 157 7.87 20.74 24.67
C GLN A 157 8.02 20.12 23.30
N LEU A 158 8.54 18.88 23.28
CA LEU A 158 8.68 18.19 22.00
CA LEU A 158 8.70 18.14 22.04
C LEU A 158 7.58 17.14 22.01
N GLU A 159 6.71 17.18 21.01
CA GLU A 159 5.56 16.27 20.94
C GLU A 159 5.60 15.47 19.65
N PHE A 160 5.48 14.17 19.80
CA PHE A 160 5.38 13.31 18.61
C PHE A 160 3.95 13.31 18.12
N VAL A 161 3.82 13.43 16.81
CA VAL A 161 2.55 13.45 16.07
C VAL A 161 2.57 12.24 15.14
N THR A 162 1.50 11.46 15.21
CA THR A 162 1.32 10.18 14.54
C THR A 162 2.23 9.12 15.19
N GLY A 163 3.52 9.33 15.03
CA GLY A 163 4.49 8.36 15.61
C GLY A 163 4.72 7.14 14.75
N GLY A 164 4.36 7.22 13.43
CA GLY A 164 4.79 6.14 12.57
C GLY A 164 6.23 6.22 12.19
N TRP A 165 6.72 5.13 11.63
CA TRP A 165 8.09 5.13 11.09
C TRP A 165 8.28 6.22 10.05
N VAL A 166 7.23 6.43 9.24
CA VAL A 166 7.17 7.46 8.19
C VAL A 166 5.82 8.15 8.25
N MET A 167 5.63 9.10 7.35
CA MET A 167 4.31 9.70 7.02
C MET A 167 3.91 9.06 5.69
N PRO A 168 3.11 7.99 5.73
CA PRO A 168 3.00 7.17 4.52
C PRO A 168 2.16 7.77 3.42
N ASP A 169 2.46 7.33 2.21
CA ASP A 169 1.50 7.42 1.13
C ASP A 169 0.19 6.82 1.56
N GLU A 170 -0.92 7.37 1.07
CA GLU A 170 -2.27 6.87 1.38
C GLU A 170 -2.95 6.26 0.17
N ALA A 171 -2.37 6.37 -1.03
CA ALA A 171 -2.98 5.87 -2.26
C ALA A 171 -2.57 4.42 -2.60
N ASN A 172 -1.25 4.19 -2.62
CA ASN A 172 -0.71 2.91 -3.10
C ASN A 172 -0.50 1.91 -1.97
N SER A 173 -0.38 2.43 -0.75
CA SER A 173 -0.03 1.57 0.39
CA SER A 173 -0.02 1.57 0.37
C SER A 173 -1.15 0.61 0.73
N HIS A 174 -0.73 -0.62 1.08
CA HIS A 174 -1.68 -1.58 1.63
C HIS A 174 -1.91 -1.26 3.09
N TRP A 175 -3.16 -1.43 3.56
CA TRP A 175 -3.47 -1.18 4.95
C TRP A 175 -2.58 -1.98 5.89
N ARG A 176 -2.21 -3.20 5.49
CA ARG A 176 -1.35 -3.99 6.38
C ARG A 176 -0.02 -3.32 6.60
N ASN A 177 0.53 -2.66 5.58
CA ASN A 177 1.80 -1.99 5.71
C ASN A 177 1.69 -0.59 6.37
N VAL A 178 0.55 0.06 6.21
CA VAL A 178 0.26 1.26 6.98
C VAL A 178 0.30 0.92 8.47
N LEU A 179 -0.36 -0.17 8.87
CA LEU A 179 -0.33 -0.63 10.24
C LEU A 179 1.06 -1.04 10.66
N LEU A 180 1.81 -1.73 9.81
CA LEU A 180 3.14 -2.16 10.12
C LEU A 180 4.01 -0.97 10.49
N GLN A 181 4.01 0.07 9.68
CA GLN A 181 4.91 1.19 9.91
C GLN A 181 4.47 1.99 11.13
N LEU A 182 3.18 2.10 11.33
CA LEU A 182 2.62 2.77 12.50
C LEU A 182 3.11 2.05 13.76
N THR A 183 3.00 0.73 13.72
CA THR A 183 3.39 -0.09 14.87
C THR A 183 4.88 0.03 15.11
N GLU A 184 5.68 0.05 14.04
CA GLU A 184 7.13 0.12 14.19
C GLU A 184 7.51 1.40 14.92
N GLY A 185 6.97 2.52 14.51
CA GLY A 185 7.27 3.78 15.15
C GLY A 185 6.71 3.89 16.55
N GLN A 186 5.46 3.44 16.75
CA GLN A 186 4.86 3.64 18.06
C GLN A 186 5.48 2.66 19.09
N THR A 187 5.88 1.47 18.66
CA THR A 187 6.52 0.54 19.59
C THR A 187 7.85 1.15 20.05
N TRP A 188 8.61 1.74 19.13
CA TRP A 188 9.84 2.44 19.48
C TRP A 188 9.55 3.54 20.49
N LEU A 189 8.55 4.35 20.22
CA LEU A 189 8.23 5.48 21.11
C LEU A 189 7.81 4.99 22.47
N LYS A 190 7.04 3.93 22.56
CA LYS A 190 6.65 3.46 23.91
C LYS A 190 7.85 2.97 24.69
N GLN A 191 8.73 2.22 24.03
CA GLN A 191 9.90 1.67 24.69
C GLN A 191 10.89 2.73 25.14
N PHE A 192 11.18 3.71 24.30
CA PHE A 192 12.26 4.64 24.58
C PHE A 192 11.78 5.99 25.08
N MET A 193 10.60 6.45 24.70
CA MET A 193 10.14 7.79 25.09
CA MET A 193 10.17 7.78 25.13
C MET A 193 8.95 7.70 26.03
N ASN A 194 8.37 6.51 26.24
CA ASN A 194 7.20 6.33 27.09
C ASN A 194 6.02 7.22 26.74
N VAL A 195 5.76 7.32 25.42
CA VAL A 195 4.61 8.07 24.95
C VAL A 195 4.00 7.35 23.76
N THR A 196 2.69 7.53 23.57
CA THR A 196 1.91 7.00 22.46
C THR A 196 1.03 8.14 21.92
N PRO A 197 1.36 8.69 20.77
CA PRO A 197 0.58 9.78 20.21
C PRO A 197 -0.87 9.36 19.99
N THR A 198 -1.75 10.35 20.21
CA THR A 198 -3.16 10.17 19.91
C THR A 198 -3.69 11.17 18.90
N ALA A 199 -2.79 11.99 18.37
CA ALA A 199 -3.10 12.96 17.29
C ALA A 199 -2.17 12.65 16.11
N SER A 200 -2.72 12.61 14.92
CA SER A 200 -1.99 12.33 13.70
C SER A 200 -1.81 13.59 12.86
N TRP A 201 -0.66 13.70 12.20
CA TRP A 201 -0.26 14.84 11.37
C TRP A 201 0.16 14.29 10.00
N ALA A 202 -0.65 14.57 8.98
CA ALA A 202 -0.39 14.06 7.61
C ALA A 202 -0.50 15.24 6.65
N ILE A 203 0.57 16.04 6.62
CA ILE A 203 0.56 17.26 5.83
C ILE A 203 0.97 17.03 4.38
N ALA A 204 1.55 15.88 4.05
CA ALA A 204 2.23 15.72 2.76
C ALA A 204 1.76 14.61 1.84
N PRO A 205 1.02 13.54 2.21
CA PRO A 205 0.61 12.57 1.19
C PRO A 205 -0.26 13.23 0.14
N PHE A 206 -0.27 12.65 -1.07
CA PHE A 206 -0.85 13.32 -2.23
C PHE A 206 -2.31 12.92 -2.40
N GLY A 207 -3.15 13.47 -1.55
CA GLY A 207 -4.51 13.01 -1.33
C GLY A 207 -4.57 12.07 -0.17
N HIS A 208 -5.82 11.86 0.36
CA HIS A 208 -5.99 11.20 1.63
C HIS A 208 -7.07 10.13 1.60
N SER A 209 -6.83 9.06 2.32
CA SER A 209 -7.67 7.87 2.38
C SER A 209 -8.36 7.67 3.70
N PRO A 210 -9.61 7.23 3.75
CA PRO A 210 -10.29 6.90 4.99
C PRO A 210 -9.70 5.66 5.67
N THR A 211 -8.82 4.93 5.02
CA THR A 211 -8.12 3.86 5.72
C THR A 211 -7.33 4.41 6.90
N MET A 212 -6.82 5.65 6.80
CA MET A 212 -6.07 6.21 7.90
C MET A 212 -6.93 6.37 9.14
N PRO A 213 -8.06 7.09 9.14
CA PRO A 213 -8.82 7.14 10.38
C PRO A 213 -9.30 5.77 10.82
N TYR A 214 -9.56 4.83 9.89
CA TYR A 214 -9.92 3.47 10.27
C TYR A 214 -8.88 2.84 11.19
N ILE A 215 -7.63 2.85 10.74
CA ILE A 215 -6.54 2.26 11.51
C ILE A 215 -6.28 3.08 12.76
N LEU A 216 -6.18 4.39 12.64
CA LEU A 216 -5.84 5.27 13.76
C LEU A 216 -6.89 5.13 14.87
N GLN A 217 -8.15 5.13 14.55
CA GLN A 217 -9.21 5.05 15.57
C GLN A 217 -9.14 3.73 16.33
N LYS A 218 -8.67 2.66 15.65
CA LYS A 218 -8.48 1.36 16.29
C LYS A 218 -7.12 1.19 16.98
N SER A 219 -6.35 2.26 16.96
CA SER A 219 -5.03 2.34 17.56
C SER A 219 -4.92 3.45 18.59
N GLY A 220 -6.04 3.82 19.19
CA GLY A 220 -6.13 4.76 20.28
C GLY A 220 -6.20 6.21 19.93
N PHE A 221 -6.19 6.55 18.63
CA PHE A 221 -6.19 7.98 18.26
C PHE A 221 -7.52 8.63 18.52
N LYS A 222 -7.42 9.95 18.74
CA LYS A 222 -8.61 10.77 18.97
C LYS A 222 -8.74 11.88 17.94
N ASN A 223 -7.67 12.23 17.20
CA ASN A 223 -7.70 13.37 16.28
C ASN A 223 -6.70 13.16 15.16
N MET A 224 -6.99 13.73 13.98
CA MET A 224 -6.03 13.68 12.90
C MET A 224 -6.13 14.97 12.08
N LEU A 225 -5.06 15.25 11.35
CA LEU A 225 -4.94 16.42 10.49
C LEU A 225 -4.48 15.98 9.12
N ILE A 226 -5.07 16.58 8.08
CA ILE A 226 -4.74 16.36 6.69
C ILE A 226 -4.60 17.72 5.97
N GLN A 227 -3.95 17.70 4.83
CA GLN A 227 -3.65 18.90 4.04
C GLN A 227 -3.86 18.78 2.56
N ARG A 228 -3.41 17.71 1.91
CA ARG A 228 -3.36 17.73 0.44
CA ARG A 228 -3.36 17.74 0.45
C ARG A 228 -4.66 17.18 -0.11
N THR A 229 -5.62 18.09 -0.21
CA THR A 229 -6.92 17.82 -0.81
C THR A 229 -7.14 18.83 -1.92
N HIS A 230 -7.98 18.40 -2.88
CA HIS A 230 -8.25 19.22 -4.07
C HIS A 230 -8.61 20.65 -3.69
N TYR A 231 -8.03 21.61 -4.38
CA TYR A 231 -8.34 23.02 -4.05
C TYR A 231 -9.82 23.33 -4.10
N SER A 232 -10.58 22.66 -4.98
CA SER A 232 -12.03 22.93 -5.03
C SER A 232 -12.74 22.43 -3.79
N VAL A 233 -12.26 21.29 -3.24
CA VAL A 233 -12.81 20.75 -2.00
C VAL A 233 -12.52 21.68 -0.85
N LYS A 234 -11.28 22.19 -0.75
CA LYS A 234 -10.97 23.15 0.28
C LYS A 234 -11.94 24.33 0.23
N LYS A 235 -12.16 24.87 -0.97
CA LYS A 235 -13.07 26.02 -1.07
C LYS A 235 -14.46 25.70 -0.62
N GLU A 236 -14.98 24.56 -1.10
CA GLU A 236 -16.35 24.17 -0.80
C GLU A 236 -16.54 23.97 0.69
N LEU A 237 -15.63 23.21 1.32
CA LEU A 237 -15.80 22.92 2.76
C LEU A 237 -15.55 24.18 3.53
N ALA A 238 -14.60 25.04 3.16
CA ALA A 238 -14.36 26.29 3.86
C ALA A 238 -15.61 27.16 3.89
N GLN A 239 -16.31 27.22 2.78
CA GLN A 239 -17.51 28.08 2.69
C GLN A 239 -18.57 27.65 3.69
N GLN A 240 -18.59 26.37 4.02
CA GLN A 240 -19.59 25.81 4.93
C GLN A 240 -19.00 25.59 6.31
N ARG A 241 -17.78 26.03 6.57
CA ARG A 241 -17.08 25.68 7.81
C ARG A 241 -17.16 24.19 8.11
N GLN A 242 -16.82 23.39 7.10
CA GLN A 242 -16.84 21.94 7.21
C GLN A 242 -15.42 21.38 7.04
N LEU A 243 -14.40 22.16 7.41
CA LEU A 243 -13.01 21.72 7.37
C LEU A 243 -12.60 20.90 8.56
N GLU A 244 -13.37 20.97 9.65
CA GLU A 244 -13.25 20.03 10.76
C GLU A 244 -14.49 19.16 10.78
N PHE A 245 -14.29 17.85 10.82
CA PHE A 245 -15.41 16.91 10.66
C PHE A 245 -15.11 15.61 11.36
N LEU A 246 -16.18 14.87 11.66
CA LEU A 246 -16.06 13.54 12.23
C LEU A 246 -16.05 12.56 11.06
N TRP A 247 -14.87 12.05 10.71
CA TRP A 247 -14.68 11.23 9.52
C TRP A 247 -14.98 9.79 9.84
N ARG A 248 -16.10 9.28 9.31
CA ARG A 248 -16.47 7.88 9.52
C ARG A 248 -16.28 7.09 8.22
N GLN A 249 -16.27 5.77 8.33
CA GLN A 249 -16.20 4.91 7.15
C GLN A 249 -17.50 4.97 6.35
N ILE A 250 -17.35 4.73 5.05
CA ILE A 250 -18.48 4.93 4.12
C ILE A 250 -19.65 4.00 4.43
N TRP A 251 -19.38 2.87 5.07
CA TRP A 251 -20.46 1.91 5.38
C TRP A 251 -21.03 2.05 6.81
N ASP A 252 -20.51 3.00 7.58
CA ASP A 252 -20.73 2.99 9.03
C ASP A 252 -21.96 3.78 9.39
N ASN A 253 -23.08 3.07 9.61
CA ASN A 253 -24.32 3.73 9.92
C ASN A 253 -24.35 4.36 11.30
N LYS A 254 -23.75 3.71 12.28
CA LYS A 254 -23.81 4.15 13.67
C LYS A 254 -22.85 5.28 13.99
N GLY A 255 -21.68 5.25 13.37
CA GLY A 255 -20.65 6.26 13.60
C GLY A 255 -19.54 5.83 14.54
N ASP A 256 -19.46 4.57 14.90
CA ASP A 256 -18.44 4.19 15.89
C ASP A 256 -17.03 4.24 15.32
N THR A 257 -16.87 4.30 13.99
CA THR A 257 -15.53 4.47 13.40
C THR A 257 -15.06 5.90 13.36
N ALA A 258 -15.91 6.87 13.75
CA ALA A 258 -15.58 8.28 13.49
C ALA A 258 -14.33 8.74 14.18
N LEU A 259 -13.55 9.55 13.48
CA LEU A 259 -12.36 10.20 14.03
C LEU A 259 -12.38 11.67 13.67
N PHE A 260 -12.23 12.55 14.66
CA PHE A 260 -12.18 13.97 14.42
C PHE A 260 -11.00 14.32 13.54
N THR A 261 -11.28 15.05 12.47
CA THR A 261 -10.33 15.38 11.44
C THR A 261 -10.32 16.89 11.20
N HIS A 262 -9.12 17.44 11.11
CA HIS A 262 -8.90 18.83 10.70
C HIS A 262 -8.26 18.84 9.32
N MET A 263 -8.92 19.47 8.36
CA MET A 263 -8.33 19.73 7.05
C MET A 263 -7.80 21.15 7.02
N MET A 264 -6.54 21.35 6.71
CA MET A 264 -5.97 22.68 6.54
CA MET A 264 -6.03 22.71 6.57
C MET A 264 -6.56 23.31 5.28
N PRO A 265 -6.69 24.63 5.22
CA PRO A 265 -7.51 25.22 4.14
C PRO A 265 -6.80 25.69 2.89
N PHE A 266 -5.48 25.83 2.92
CA PHE A 266 -4.75 26.58 1.91
C PHE A 266 -3.86 25.64 1.05
N TYR A 267 -3.14 26.23 0.13
CA TYR A 267 -2.46 25.52 -0.95
C TYR A 267 -1.27 24.71 -0.46
N SER A 268 -0.61 25.09 0.60
CA SER A 268 0.63 24.44 1.07
C SER A 268 0.62 24.41 2.59
N TYR A 269 1.55 23.57 3.13
CA TYR A 269 1.83 23.59 4.54
C TYR A 269 2.97 24.53 4.94
N ASP A 270 3.55 25.27 4.02
CA ASP A 270 4.64 26.20 4.30
C ASP A 270 4.13 27.44 5.02
N ILE A 271 5.03 28.26 5.51
CA ILE A 271 4.59 29.41 6.32
C ILE A 271 3.76 30.37 5.51
N PRO A 272 4.09 30.70 4.25
CA PRO A 272 3.23 31.60 3.47
C PRO A 272 1.78 31.13 3.36
N HIS A 273 1.54 29.82 3.42
CA HIS A 273 0.15 29.30 3.29
C HIS A 273 -0.41 28.73 4.57
N THR A 274 0.11 29.15 5.73
CA THR A 274 -0.44 28.65 6.99
C THR A 274 -0.83 29.76 7.94
N CYS A 275 -0.44 31.03 7.73
CA CYS A 275 -0.85 32.05 8.68
C CYS A 275 -2.25 32.62 8.40
N GLY A 276 -2.74 32.44 7.19
CA GLY A 276 -3.90 33.18 6.72
C GLY A 276 -3.97 33.10 5.22
N PRO A 277 -4.98 33.73 4.63
CA PRO A 277 -5.25 33.58 3.21
C PRO A 277 -4.31 34.32 2.28
N ASP A 278 -3.52 35.29 2.74
CA ASP A 278 -2.70 36.10 1.83
C ASP A 278 -1.24 35.74 1.97
N PRO A 279 -0.69 34.98 1.04
CA PRO A 279 0.71 34.53 1.24
C PRO A 279 1.72 35.66 1.17
N LYS A 280 1.35 36.77 0.46
CA LYS A 280 2.28 37.91 0.44
C LYS A 280 2.45 38.46 1.84
N VAL A 281 1.40 38.40 2.64
CA VAL A 281 1.53 38.83 4.05
C VAL A 281 2.18 37.76 4.92
N CYS A 282 1.70 36.51 4.85
CA CYS A 282 2.23 35.44 5.67
C CYS A 282 3.74 35.23 5.47
N CYS A 283 4.22 35.42 4.22
CA CYS A 283 5.66 35.22 3.98
C CYS A 283 6.51 36.14 4.81
N GLN A 284 5.97 37.33 5.17
CA GLN A 284 6.67 38.29 5.98
C GLN A 284 6.80 37.85 7.43
N PHE A 285 6.19 36.73 7.78
CA PHE A 285 6.28 36.18 9.12
C PHE A 285 7.00 34.83 9.10
N ASP A 286 7.77 34.61 8.04
CA ASP A 286 8.72 33.48 7.98
C ASP A 286 10.09 34.12 8.08
N PHE A 287 10.61 34.17 9.31
CA PHE A 287 11.79 35.02 9.56
C PHE A 287 13.08 34.41 9.03
N LYS A 288 13.05 33.21 8.41
CA LYS A 288 14.19 32.68 7.68
C LYS A 288 14.33 33.30 6.31
N ARG A 289 13.43 34.20 5.91
CA ARG A 289 13.47 34.70 4.52
C ARG A 289 14.01 36.14 4.34
N MET A 290 14.88 36.60 5.23
CA MET A 290 15.41 37.96 5.10
C MET A 290 16.69 38.10 4.25
N GLY A 291 17.28 36.95 3.87
CA GLY A 291 18.40 36.91 2.94
C GLY A 291 19.64 36.10 3.29
N SER A 292 20.10 36.12 4.55
CA SER A 292 21.35 35.46 4.95
C SER A 292 21.26 33.95 4.90
N PHE A 293 20.03 33.42 4.87
CA PHE A 293 19.76 31.98 4.75
C PHE A 293 19.59 31.59 3.30
N GLY A 294 19.71 32.52 2.34
CA GLY A 294 19.53 32.14 0.96
C GLY A 294 18.10 31.99 0.54
N LEU A 295 17.15 32.45 1.32
CA LEU A 295 15.73 32.34 0.99
C LEU A 295 15.12 33.73 0.84
N SER A 296 14.05 33.83 0.08
CA SER A 296 13.36 35.10 -0.10
C SER A 296 11.86 34.83 -0.24
N CYS A 297 11.07 35.91 -0.29
CA CYS A 297 9.63 35.85 -0.52
C CYS A 297 9.28 36.07 -1.99
N PRO A 298 8.68 35.11 -2.66
CA PRO A 298 8.31 35.28 -4.06
C PRO A 298 7.35 36.45 -4.28
N TRP A 299 6.63 36.87 -3.25
CA TRP A 299 5.65 37.97 -3.39
C TRP A 299 6.33 39.32 -3.25
N LYS A 300 7.64 39.29 -3.01
CA LYS A 300 8.50 40.47 -3.16
C LYS A 300 8.45 41.45 -1.99
N VAL A 301 7.84 41.05 -0.87
CA VAL A 301 7.92 41.85 0.34
C VAL A 301 8.60 40.99 1.39
N PRO A 302 9.77 41.37 1.85
CA PRO A 302 10.49 40.50 2.77
C PRO A 302 9.96 40.61 4.18
N PRO A 303 10.29 39.62 5.04
CA PRO A 303 10.07 39.80 6.45
C PRO A 303 10.91 40.95 6.97
N ARG A 304 10.46 41.62 8.02
CA ARG A 304 11.30 42.57 8.75
C ARG A 304 11.42 42.15 10.21
N THR A 305 12.60 42.30 10.79
CA THR A 305 12.79 42.00 12.21
C THR A 305 11.84 42.80 13.08
N ILE A 306 11.22 42.17 14.05
CA ILE A 306 10.24 42.85 14.88
C ILE A 306 10.99 43.68 15.89
N SER A 307 10.53 44.92 16.05
CA SER A 307 11.10 45.90 16.96
C SER A 307 9.98 46.62 17.65
N ASP A 308 10.36 47.42 18.66
CA ASP A 308 9.26 48.18 19.29
C ASP A 308 8.63 49.18 18.34
N GLN A 309 9.29 49.66 17.31
CA GLN A 309 8.75 50.69 16.43
C GLN A 309 7.80 50.10 15.39
N ASN A 310 7.99 48.80 15.05
CA ASN A 310 7.10 48.25 14.05
C ASN A 310 6.15 47.18 14.62
N VAL A 311 6.24 46.82 15.91
CA VAL A 311 5.49 45.65 16.38
C VAL A 311 4.00 45.89 16.31
N ALA A 312 3.53 47.11 16.53
CA ALA A 312 2.07 47.35 16.38
C ALA A 312 1.60 47.15 14.95
N ALA A 313 2.30 47.70 13.97
CA ALA A 313 1.86 47.52 12.57
C ALA A 313 1.99 46.08 12.13
N ARG A 314 3.09 45.44 12.47
CA ARG A 314 3.27 44.04 12.11
C ARG A 314 2.18 43.18 12.77
N SER A 315 1.89 43.42 14.03
CA SER A 315 0.82 42.69 14.70
C SER A 315 -0.53 42.91 14.08
N ASP A 316 -0.82 44.14 13.68
CA ASP A 316 -2.07 44.37 13.02
CA ASP A 316 -2.06 44.50 12.93
C ASP A 316 -2.23 43.50 11.77
N LEU A 317 -1.16 43.43 10.98
CA LEU A 317 -1.20 42.61 9.75
C LEU A 317 -1.42 41.17 10.10
N LEU A 318 -0.68 40.67 11.06
CA LEU A 318 -0.70 39.22 11.39
C LEU A 318 -1.99 38.84 12.02
N VAL A 319 -2.52 39.63 12.93
CA VAL A 319 -3.78 39.28 13.60
C VAL A 319 -4.89 39.30 12.57
N ASP A 320 -4.84 40.22 11.62
CA ASP A 320 -5.85 40.26 10.56
C ASP A 320 -5.85 38.96 9.75
N GLN A 321 -4.67 38.45 9.44
CA GLN A 321 -4.58 37.15 8.77
C GLN A 321 -5.17 36.02 9.61
N TRP A 322 -4.81 36.01 10.89
CA TRP A 322 -5.32 34.97 11.79
C TRP A 322 -6.84 35.02 11.87
N LYS A 323 -7.42 36.24 12.00
CA LYS A 323 -8.86 36.32 12.15
C LYS A 323 -9.56 35.91 10.84
N LYS A 324 -8.94 36.18 9.71
CA LYS A 324 -9.52 35.67 8.47
C LYS A 324 -9.47 34.14 8.43
N LYS A 325 -8.34 33.55 8.78
CA LYS A 325 -8.30 32.07 8.82
C LYS A 325 -9.34 31.54 9.78
N ALA A 326 -9.51 32.18 10.93
CA ALA A 326 -10.45 31.71 11.95
C ALA A 326 -11.87 31.68 11.45
N GLU A 327 -12.17 32.54 10.48
CA GLU A 327 -13.52 32.60 9.91
C GLU A 327 -13.92 31.28 9.25
N LEU A 328 -12.93 30.47 8.88
CA LEU A 328 -13.20 29.22 8.17
C LEU A 328 -13.51 28.07 9.11
N TYR A 329 -13.43 28.25 10.41
CA TYR A 329 -13.56 27.21 11.43
C TYR A 329 -14.60 27.62 12.47
N ARG A 330 -15.05 26.63 13.23
CA ARG A 330 -16.22 26.83 14.08
C ARG A 330 -15.91 27.24 15.51
N THR A 331 -14.67 27.08 15.96
CA THR A 331 -14.39 27.43 17.37
C THR A 331 -13.52 28.69 17.41
N ASN A 332 -13.24 29.19 18.60
CA ASN A 332 -12.34 30.28 18.83
C ASN A 332 -10.93 29.81 19.12
N VAL A 333 -10.56 28.64 18.66
CA VAL A 333 -9.21 28.11 18.81
C VAL A 333 -8.65 27.92 17.44
N LEU A 334 -7.49 28.49 17.13
CA LEU A 334 -6.90 28.52 15.81
C LEU A 334 -5.56 27.85 15.75
N LEU A 335 -5.36 26.98 14.78
CA LEU A 335 -4.11 26.27 14.51
C LEU A 335 -3.30 27.02 13.47
N ILE A 336 -2.08 27.42 13.82
CA ILE A 336 -1.14 28.06 12.95
C ILE A 336 0.15 27.22 12.90
N PRO A 337 0.27 26.29 11.95
CA PRO A 337 1.58 25.62 11.76
C PRO A 337 2.65 26.65 11.38
N LEU A 338 3.87 26.39 11.85
CA LEU A 338 5.01 27.24 11.58
C LEU A 338 6.20 26.35 11.17
N GLY A 339 6.32 26.08 9.87
CA GLY A 339 7.39 25.17 9.43
C GLY A 339 7.37 24.98 7.92
N ASP A 340 8.32 24.14 7.49
CA ASP A 340 8.50 23.83 6.09
C ASP A 340 9.48 22.66 6.02
N ASP A 341 9.89 22.29 4.82
CA ASP A 341 10.75 21.14 4.61
C ASP A 341 12.12 21.37 5.22
N PHE A 342 12.55 20.46 6.04
CA PHE A 342 13.87 20.43 6.67
C PHE A 342 14.20 21.77 7.31
N ARG A 343 13.19 22.37 7.93
CA ARG A 343 13.39 23.58 8.73
C ARG A 343 13.94 23.29 10.11
N PHE A 344 14.36 24.35 10.77
CA PHE A 344 14.87 24.32 12.14
C PHE A 344 16.16 23.56 12.28
N LYS A 345 17.02 23.87 11.29
CA LYS A 345 18.33 23.24 11.16
C LYS A 345 19.42 23.99 11.90
N GLN A 346 19.55 25.27 11.66
CA GLN A 346 20.62 26.09 12.24
C GLN A 346 20.17 26.71 13.56
N ASN A 347 21.07 26.89 14.50
CA ASN A 347 20.78 27.61 15.71
C ASN A 347 20.26 29.02 15.43
N THR A 348 20.83 29.72 14.45
CA THR A 348 20.41 31.05 14.09
C THR A 348 18.99 31.09 13.56
N GLU A 349 18.55 30.01 12.93
CA GLU A 349 17.16 29.91 12.51
C GLU A 349 16.20 29.72 13.67
N TRP A 350 16.55 28.84 14.62
CA TRP A 350 15.75 28.74 15.84
C TRP A 350 15.56 30.13 16.48
N ASP A 351 16.67 30.86 16.59
CA ASP A 351 16.61 32.15 17.27
C ASP A 351 15.75 33.12 16.46
N VAL A 352 15.90 33.19 15.13
CA VAL A 352 15.25 34.26 14.40
C VAL A 352 13.74 34.01 14.43
N GLN A 353 13.28 32.76 14.37
CA GLN A 353 11.83 32.50 14.45
C GLN A 353 11.34 32.74 15.86
N ARG A 354 12.05 32.19 16.86
CA ARG A 354 11.53 32.27 18.21
C ARG A 354 11.48 33.72 18.69
N VAL A 355 12.58 34.48 18.52
CA VAL A 355 12.62 35.81 19.16
C VAL A 355 11.60 36.74 18.51
N ASN A 356 11.43 36.66 17.19
CA ASN A 356 10.45 37.53 16.50
C ASN A 356 9.04 37.16 16.92
N TYR A 357 8.69 35.89 16.93
CA TYR A 357 7.38 35.50 17.41
C TYR A 357 7.16 35.87 18.86
N GLU A 358 8.16 35.71 19.74
CA GLU A 358 7.98 36.11 21.13
C GLU A 358 7.62 37.61 21.23
N ARG A 359 8.25 38.44 20.40
CA ARG A 359 7.95 39.87 20.46
C ARG A 359 6.51 40.13 20.00
N LEU A 360 6.09 39.42 18.96
CA LEU A 360 4.70 39.52 18.51
C LEU A 360 3.72 39.08 19.58
N PHE A 361 3.97 37.94 20.22
CA PHE A 361 3.04 37.46 21.22
C PHE A 361 2.96 38.44 22.39
N GLU A 362 4.09 39.00 22.82
CA GLU A 362 4.05 39.91 23.96
C GLU A 362 3.17 41.11 23.61
N HIS A 363 3.36 41.64 22.42
CA HIS A 363 2.52 42.80 22.03
C HIS A 363 1.06 42.44 21.88
N ILE A 364 0.79 41.40 21.07
CA ILE A 364 -0.60 41.08 20.78
C ILE A 364 -1.37 40.73 22.04
N ASN A 365 -0.75 39.92 22.92
CA ASN A 365 -1.49 39.43 24.08
C ASN A 365 -1.73 40.53 25.11
N SER A 366 -0.98 41.59 25.08
CA SER A 366 -1.14 42.70 26.03
C SER A 366 -1.99 43.80 25.46
N GLN A 367 -2.33 43.76 24.19
CA GLN A 367 -3.23 44.78 23.63
C GLN A 367 -4.67 44.28 23.62
N ALA A 368 -5.49 44.74 24.58
CA ALA A 368 -6.81 44.12 24.73
C ALA A 368 -7.63 44.25 23.47
N HIS A 369 -7.44 45.31 22.69
CA HIS A 369 -8.21 45.56 21.49
C HIS A 369 -8.06 44.41 20.51
N PHE A 370 -7.04 43.59 20.46
CA PHE A 370 -7.02 42.48 19.51
C PHE A 370 -7.90 41.33 20.00
N ASN A 371 -8.11 41.20 21.33
CA ASN A 371 -8.82 40.09 21.89
C ASN A 371 -8.28 38.72 21.43
N VAL A 372 -6.97 38.59 21.52
CA VAL A 372 -6.23 37.38 21.12
C VAL A 372 -5.32 36.98 22.25
N GLN A 373 -5.17 35.67 22.43
CA GLN A 373 -4.12 35.09 23.24
C GLN A 373 -3.36 34.09 22.37
N ALA A 374 -2.11 34.41 22.03
CA ALA A 374 -1.29 33.62 21.09
C ALA A 374 -0.08 33.07 21.81
N GLN A 375 0.29 31.85 21.45
CA GLN A 375 1.41 31.19 22.07
C GLN A 375 1.92 30.07 21.18
N PHE A 376 3.16 29.66 21.41
CA PHE A 376 3.60 28.39 20.81
C PHE A 376 2.81 27.25 21.44
N GLY A 377 2.51 26.28 20.64
CA GLY A 377 1.77 25.11 21.14
C GLY A 377 2.16 23.88 20.36
N THR A 378 1.58 22.76 20.81
CA THR A 378 1.68 21.51 20.07
C THR A 378 0.34 21.15 19.47
N LEU A 379 0.35 20.11 18.63
CA LEU A 379 -0.87 19.67 17.97
C LEU A 379 -1.90 19.19 18.94
N GLN A 380 -1.48 18.37 19.92
CA GLN A 380 -2.44 17.90 20.91
C GLN A 380 -3.04 19.03 21.72
N GLU A 381 -2.25 20.06 22.02
CA GLU A 381 -2.79 21.23 22.71
C GLU A 381 -3.93 21.90 21.92
N TYR A 382 -3.73 22.05 20.62
CA TYR A 382 -4.76 22.57 19.77
C TYR A 382 -6.02 21.73 19.85
N PHE A 383 -5.93 20.43 19.61
CA PHE A 383 -7.12 19.59 19.65
C PHE A 383 -7.77 19.59 21.02
N ASP A 384 -6.97 19.58 22.08
CA ASP A 384 -7.64 19.60 23.40
C ASP A 384 -8.46 20.84 23.59
N ALA A 385 -7.93 21.97 23.13
CA ALA A 385 -8.65 23.24 23.29
C ALA A 385 -9.90 23.24 22.39
N VAL A 386 -9.82 22.69 21.16
CA VAL A 386 -10.99 22.64 20.32
C VAL A 386 -12.10 21.84 20.99
N HIS A 387 -11.72 20.69 21.56
CA HIS A 387 -12.78 19.85 22.18
C HIS A 387 -13.29 20.46 23.47
N GLN A 388 -12.49 21.26 24.17
CA GLN A 388 -13.03 21.99 25.33
C GLN A 388 -14.08 22.99 24.86
N ALA A 389 -13.86 23.67 23.74
CA ALA A 389 -14.86 24.59 23.18
C ALA A 389 -16.13 23.87 22.77
N GLU A 390 -15.97 22.72 22.13
CA GLU A 390 -17.08 21.86 21.74
C GLU A 390 -17.93 21.45 22.93
N ARG A 391 -17.26 20.94 23.99
CA ARG A 391 -17.99 20.54 25.19
C ARG A 391 -18.68 21.74 25.86
N ALA A 392 -18.12 22.95 25.70
CA ALA A 392 -18.75 24.13 26.25
C ALA A 392 -19.92 24.55 25.37
N GLY A 393 -20.26 23.82 24.31
CA GLY A 393 -21.43 24.08 23.49
C GLY A 393 -21.16 25.14 22.46
N GLN A 394 -19.86 25.39 22.20
CA GLN A 394 -19.60 26.56 21.35
C GLN A 394 -19.56 26.14 19.90
N ALA A 395 -19.54 24.82 19.59
CA ALA A 395 -19.52 24.33 18.22
C ALA A 395 -20.07 22.93 18.14
N GLU A 396 -20.61 22.53 17.00
CA GLU A 396 -21.01 21.17 16.70
C GLU A 396 -20.37 20.89 15.36
N PHE A 397 -19.81 19.69 15.20
CA PHE A 397 -19.09 19.39 13.99
C PHE A 397 -19.86 18.48 13.05
N PRO A 398 -19.70 18.68 11.75
CA PRO A 398 -20.37 17.84 10.75
C PRO A 398 -19.74 16.46 10.67
N THR A 399 -20.50 15.51 10.20
CA THR A 399 -20.07 14.16 9.88
C THR A 399 -19.73 14.08 8.41
N LEU A 400 -18.75 13.24 8.09
CA LEU A 400 -18.26 13.10 6.72
C LEU A 400 -17.90 11.66 6.46
N SER A 401 -18.18 11.19 5.24
CA SER A 401 -17.57 9.94 4.74
C SER A 401 -17.10 10.17 3.32
N GLY A 402 -16.18 9.31 2.89
CA GLY A 402 -15.58 9.35 1.58
C GLY A 402 -14.09 9.44 1.63
N ASP A 403 -13.46 9.70 0.51
CA ASP A 403 -12.03 9.86 0.37
C ASP A 403 -11.72 11.21 -0.24
N PHE A 404 -10.42 11.45 -0.41
CA PHE A 404 -9.89 12.71 -0.93
C PHE A 404 -8.88 12.40 -2.04
N PHE A 405 -9.32 11.57 -3.00
CA PHE A 405 -8.64 11.33 -4.25
C PHE A 405 -9.57 11.74 -5.40
N THR A 406 -9.06 12.14 -6.54
CA THR A 406 -7.66 12.44 -6.86
C THR A 406 -7.34 13.90 -6.60
N TYR A 407 -6.25 14.12 -5.90
CA TYR A 407 -5.77 15.44 -5.57
C TYR A 407 -5.36 16.23 -6.79
N ALA A 408 -5.69 17.50 -6.81
CA ALA A 408 -5.14 18.54 -7.68
C ALA A 408 -4.78 19.73 -6.79
N ASP A 409 -3.56 20.22 -6.97
CA ASP A 409 -3.12 21.42 -6.21
C ASP A 409 -3.41 22.71 -6.99
N ARG A 410 -3.61 22.65 -8.28
CA ARG A 410 -3.89 23.87 -9.09
C ARG A 410 -4.36 23.42 -10.45
N SER A 411 -5.17 24.25 -11.07
CA SER A 411 -5.70 24.13 -12.43
CA SER A 411 -5.50 24.07 -12.49
C SER A 411 -6.04 22.68 -12.76
N ASP A 412 -5.52 22.07 -13.81
CA ASP A 412 -5.87 20.72 -14.21
C ASP A 412 -4.78 19.75 -13.80
N ASN A 413 -3.94 20.13 -12.83
CA ASN A 413 -2.76 19.32 -12.44
C ASN A 413 -3.17 18.30 -11.37
N TYR A 414 -3.71 17.20 -11.87
CA TYR A 414 -4.16 16.09 -11.05
C TYR A 414 -3.01 15.10 -10.86
N TRP A 415 -2.85 14.68 -9.58
CA TRP A 415 -1.72 13.85 -9.17
C TRP A 415 -2.08 12.35 -9.27
N SER A 416 -2.45 11.91 -10.48
CA SER A 416 -2.73 10.53 -10.73
C SER A 416 -1.56 9.78 -11.37
N GLY A 417 -0.47 10.45 -11.71
CA GLY A 417 0.69 9.78 -12.27
C GLY A 417 1.36 8.85 -11.26
N TYR A 418 1.42 9.26 -10.01
CA TYR A 418 2.17 8.52 -9.00
C TYR A 418 1.43 7.26 -8.59
N TYR A 419 0.20 7.05 -9.06
CA TYR A 419 -0.45 5.76 -8.90
C TYR A 419 0.26 4.67 -9.66
N THR A 420 1.10 5.01 -10.63
CA THR A 420 1.82 4.08 -11.47
C THR A 420 3.32 4.23 -11.45
N SER A 421 3.86 5.43 -11.17
CA SER A 421 5.31 5.64 -11.34
CA SER A 421 5.28 5.66 -11.28
C SER A 421 6.16 4.61 -10.62
N ARG A 422 7.22 4.19 -11.31
CA ARG A 422 8.15 3.19 -10.71
C ARG A 422 7.40 1.92 -10.30
N PRO A 423 6.73 1.28 -11.27
CA PRO A 423 5.90 0.12 -10.95
C PRO A 423 6.68 -1.10 -10.51
N TYR A 424 7.95 -1.23 -10.85
CA TYR A 424 8.75 -2.35 -10.35
C TYR A 424 8.70 -2.36 -8.84
N HIS A 425 8.89 -1.20 -8.24
CA HIS A 425 9.01 -1.13 -6.78
C HIS A 425 7.64 -1.21 -6.12
N LYS A 426 6.60 -0.75 -6.81
CA LYS A 426 5.23 -0.96 -6.34
C LYS A 426 4.93 -2.44 -6.24
N ARG A 427 5.34 -3.22 -7.25
CA ARG A 427 5.16 -4.68 -7.16
C ARG A 427 6.03 -5.28 -6.06
N MET A 428 7.26 -4.83 -5.94
CA MET A 428 8.16 -5.33 -4.88
C MET A 428 7.54 -5.12 -3.53
N ASP A 429 6.87 -4.01 -3.27
CA ASP A 429 6.18 -3.73 -2.03
C ASP A 429 5.28 -4.85 -1.65
N ARG A 430 4.47 -5.31 -2.61
CA ARG A 430 3.50 -6.34 -2.31
C ARG A 430 4.16 -7.70 -2.03
N VAL A 431 5.23 -7.97 -2.72
CA VAL A 431 5.98 -9.21 -2.48
C VAL A 431 6.54 -9.17 -1.06
N LEU A 432 7.24 -8.11 -0.71
CA LEU A 432 7.82 -7.97 0.62
C LEU A 432 6.72 -7.95 1.70
N MET A 433 5.58 -7.34 1.43
CA MET A 433 4.47 -7.36 2.37
C MET A 433 4.18 -8.77 2.82
N HIS A 434 4.04 -9.67 1.84
CA HIS A 434 3.72 -11.06 2.13
C HIS A 434 4.85 -11.79 2.82
N TYR A 435 6.09 -11.57 2.37
CA TYR A 435 7.27 -12.20 3.00
CA TYR A 435 7.13 -12.34 3.07
C TYR A 435 7.38 -11.82 4.46
N VAL A 436 7.13 -10.56 4.81
CA VAL A 436 7.19 -10.13 6.20
C VAL A 436 6.13 -10.86 6.98
N ARG A 437 4.90 -10.90 6.48
CA ARG A 437 3.84 -11.64 7.19
C ARG A 437 4.24 -13.08 7.40
N ALA A 438 4.72 -13.74 6.35
CA ALA A 438 5.04 -15.15 6.43
C ALA A 438 6.20 -15.42 7.38
N ALA A 439 7.21 -14.57 7.36
CA ALA A 439 8.36 -14.74 8.27
C ALA A 439 7.96 -14.53 9.70
N GLU A 440 7.16 -13.53 9.99
CA GLU A 440 6.71 -13.26 11.37
C GLU A 440 5.84 -14.43 11.83
N MET A 441 4.96 -14.93 10.97
CA MET A 441 4.04 -16.01 11.36
C MET A 441 4.81 -17.31 11.59
N LEU A 442 5.64 -17.71 10.64
CA LEU A 442 6.33 -18.98 10.73
C LEU A 442 7.22 -19.03 11.95
N SER A 443 7.89 -17.92 12.28
CA SER A 443 8.81 -17.91 13.41
C SER A 443 8.08 -17.71 14.72
N ALA A 444 6.83 -17.28 14.73
CA ALA A 444 6.10 -16.99 15.97
C ALA A 444 5.79 -18.27 16.73
N TRP A 445 5.72 -19.42 16.05
CA TRP A 445 5.30 -20.64 16.72
C TRP A 445 6.28 -21.06 17.82
N HIS A 446 7.52 -20.67 17.74
CA HIS A 446 8.52 -21.04 18.74
C HIS A 446 9.12 -19.80 19.34
N SER A 447 9.74 -19.97 20.52
CA SER A 447 10.69 -19.03 21.04
CA SER A 447 10.70 -19.00 21.04
C SER A 447 12.09 -19.37 20.52
N TRP A 448 12.89 -18.38 20.19
CA TRP A 448 14.19 -18.63 19.58
C TRP A 448 15.30 -18.11 20.47
N ASP A 449 16.38 -18.87 20.56
CA ASP A 449 17.59 -18.38 21.18
C ASP A 449 18.09 -17.12 20.51
N GLY A 450 18.72 -16.16 21.20
CA GLY A 450 19.24 -14.95 20.58
C GLY A 450 20.26 -15.26 19.52
N MET A 451 20.98 -16.37 19.67
CA MET A 451 21.98 -16.67 18.64
CA MET A 451 21.98 -16.66 18.64
C MET A 451 21.35 -16.94 17.29
N ALA A 452 20.06 -17.23 17.24
CA ALA A 452 19.38 -17.46 15.97
C ALA A 452 19.17 -16.19 15.17
N ARG A 453 19.28 -15.03 15.78
CA ARG A 453 19.16 -13.73 15.09
C ARG A 453 17.79 -13.58 14.46
N ILE A 454 16.77 -14.18 15.00
CA ILE A 454 15.40 -14.09 14.43
C ILE A 454 14.84 -12.70 14.59
N GLU A 455 14.86 -12.18 15.81
CA GLU A 455 14.30 -10.85 16.08
C GLU A 455 15.07 -9.79 15.30
N GLU A 456 16.39 -9.95 15.19
CA GLU A 456 17.21 -9.03 14.45
C GLU A 456 16.79 -8.94 12.99
N ARG A 457 16.68 -10.11 12.35
CA ARG A 457 16.32 -10.16 10.93
C ARG A 457 14.88 -9.63 10.70
N LEU A 458 13.95 -9.97 11.61
CA LEU A 458 12.57 -9.49 11.46
C LEU A 458 12.48 -7.99 11.63
N GLU A 459 13.25 -7.42 12.57
CA GLU A 459 13.23 -6.00 12.78
C GLU A 459 13.74 -5.30 11.54
N GLN A 460 14.83 -5.79 10.93
CA GLN A 460 15.35 -5.21 9.72
C GLN A 460 14.30 -5.26 8.61
N ALA A 461 13.67 -6.41 8.44
CA ALA A 461 12.66 -6.53 7.37
C ALA A 461 11.49 -5.58 7.59
N ARG A 462 10.97 -5.54 8.82
CA ARG A 462 9.88 -4.64 9.08
C ARG A 462 10.26 -3.20 8.82
N ARG A 463 11.47 -2.82 9.21
CA ARG A 463 11.86 -1.39 9.07
C ARG A 463 12.09 -1.02 7.63
N GLU A 464 12.66 -1.87 6.79
CA GLU A 464 12.87 -1.53 5.39
C GLU A 464 11.53 -1.44 4.67
N LEU A 465 10.59 -2.33 4.91
CA LEU A 465 9.28 -2.24 4.29
C LEU A 465 8.56 -1.00 4.81
N SER A 466 8.67 -0.72 6.09
CA SER A 466 8.04 0.43 6.69
C SER A 466 8.54 1.71 6.07
N LEU A 467 9.86 1.82 5.87
CA LEU A 467 10.46 2.99 5.25
C LEU A 467 9.87 3.26 3.88
N PHE A 468 9.66 2.21 3.12
CA PHE A 468 9.18 2.33 1.74
C PHE A 468 7.75 2.82 1.65
N GLN A 469 7.00 2.77 2.76
CA GLN A 469 5.66 3.32 2.76
C GLN A 469 5.66 4.85 2.70
N HIS A 470 6.81 5.48 2.87
CA HIS A 470 6.94 6.91 2.75
C HIS A 470 6.28 7.41 1.45
N HIS A 471 5.76 8.68 1.56
CA HIS A 471 5.11 9.30 0.40
C HIS A 471 6.04 9.71 -0.72
N ASP A 472 7.35 9.43 -0.65
CA ASP A 472 8.24 9.46 -1.80
C ASP A 472 8.85 8.10 -2.11
N GLY A 473 8.39 7.04 -1.44
CA GLY A 473 8.92 5.68 -1.62
C GLY A 473 8.03 4.92 -2.59
N ILE A 474 6.99 4.29 -2.10
CA ILE A 474 6.08 3.50 -2.90
C ILE A 474 5.45 4.31 -4.01
N THR A 475 5.33 5.62 -3.81
CA THR A 475 4.79 6.53 -4.81
C THR A 475 5.61 6.64 -6.06
N GLY A 476 6.89 6.28 -6.02
CA GLY A 476 7.68 6.40 -7.24
C GLY A 476 8.04 7.86 -7.55
N THR A 477 8.16 8.71 -6.55
CA THR A 477 8.46 10.12 -6.73
C THR A 477 9.83 10.54 -6.23
N ALA A 478 10.76 9.59 -6.05
CA ALA A 478 12.12 9.91 -5.59
C ALA A 478 13.13 9.94 -6.74
N LYS A 479 14.30 10.56 -6.48
CA LYS A 479 15.35 10.55 -7.49
C LYS A 479 15.81 9.14 -7.72
N THR A 480 16.39 8.90 -8.90
CA THR A 480 16.86 7.58 -9.30
C THR A 480 17.72 6.91 -8.23
N HIS A 481 18.71 7.61 -7.67
CA HIS A 481 19.61 6.94 -6.73
C HIS A 481 18.92 6.62 -5.41
N VAL A 482 17.85 7.34 -5.12
CA VAL A 482 17.05 7.09 -3.91
C VAL A 482 16.19 5.87 -4.12
N VAL A 483 15.57 5.74 -5.29
CA VAL A 483 14.86 4.51 -5.66
C VAL A 483 15.76 3.30 -5.51
N VAL A 484 17.02 3.42 -5.97
CA VAL A 484 17.97 2.33 -5.85
C VAL A 484 18.22 1.99 -4.39
N ASP A 485 18.33 3.01 -3.54
CA ASP A 485 18.52 2.74 -2.10
C ASP A 485 17.33 2.00 -1.53
N TYR A 486 16.11 2.44 -1.84
CA TYR A 486 14.93 1.71 -1.34
C TYR A 486 14.93 0.27 -1.87
N GLU A 487 15.27 0.07 -3.13
CA GLU A 487 15.29 -1.29 -3.69
C GLU A 487 16.30 -2.17 -2.99
N GLN A 488 17.50 -1.65 -2.75
CA GLN A 488 18.54 -2.42 -2.08
C GLN A 488 18.13 -2.76 -0.69
N ARG A 489 17.53 -1.81 0.01
CA ARG A 489 16.97 -2.10 1.33
C ARG A 489 15.95 -3.17 1.32
N MET A 490 15.00 -3.12 0.37
CA MET A 490 13.99 -4.15 0.27
C MET A 490 14.58 -5.49 -0.12
N GLN A 491 15.63 -5.52 -0.93
CA GLN A 491 16.23 -6.80 -1.26
CA GLN A 491 16.28 -6.79 -1.27
C GLN A 491 16.87 -7.44 -0.04
N GLU A 492 17.51 -6.66 0.81
CA GLU A 492 18.06 -7.16 2.08
C GLU A 492 16.94 -7.67 2.95
N ALA A 493 15.81 -6.97 3.01
CA ALA A 493 14.66 -7.37 3.79
C ALA A 493 14.12 -8.71 3.30
N LEU A 494 14.06 -8.93 1.99
CA LEU A 494 13.58 -10.19 1.43
C LEU A 494 14.52 -11.32 1.85
N LYS A 495 15.83 -11.07 1.82
CA LYS A 495 16.80 -12.08 2.27
C LYS A 495 16.62 -12.39 3.73
N ALA A 496 16.36 -11.39 4.56
CA ALA A 496 16.11 -11.57 5.98
C ALA A 496 14.86 -12.43 6.20
N CYS A 497 13.81 -12.16 5.47
CA CYS A 497 12.60 -12.97 5.58
C CYS A 497 12.85 -14.40 5.16
N GLN A 498 13.57 -14.61 4.06
CA GLN A 498 13.88 -15.95 3.61
C GLN A 498 14.61 -16.72 4.72
N MET A 499 15.63 -16.10 5.32
CA MET A 499 16.42 -16.77 6.37
C MET A 499 15.51 -17.22 7.48
N VAL A 500 14.68 -16.31 7.98
CA VAL A 500 13.79 -16.61 9.09
C VAL A 500 12.82 -17.70 8.69
N MET A 501 12.19 -17.58 7.54
CA MET A 501 11.22 -18.56 7.07
C MET A 501 11.83 -19.95 7.01
N GLN A 502 13.00 -20.08 6.37
CA GLN A 502 13.57 -21.41 6.14
C GLN A 502 14.07 -22.05 7.44
N GLN A 503 14.65 -21.26 8.35
CA GLN A 503 14.97 -21.78 9.69
C GLN A 503 13.72 -22.31 10.39
N SER A 504 12.61 -21.56 10.24
CA SER A 504 11.37 -21.94 10.90
C SER A 504 10.79 -23.22 10.34
N VAL A 505 10.80 -23.38 9.03
CA VAL A 505 10.32 -24.61 8.37
C VAL A 505 11.14 -25.81 8.88
N TYR A 506 12.45 -25.65 8.87
CA TYR A 506 13.31 -26.74 9.32
CA TYR A 506 13.33 -26.77 9.32
C TYR A 506 12.96 -27.15 10.75
N ARG A 507 12.72 -26.17 11.63
CA ARG A 507 12.34 -26.52 13.02
C ARG A 507 10.96 -27.13 13.13
N LEU A 508 10.00 -26.64 12.36
CA LEU A 508 8.63 -27.09 12.44
C LEU A 508 8.42 -28.51 11.90
N LEU A 509 9.28 -28.93 10.97
CA LEU A 509 9.11 -30.18 10.25
C LEU A 509 10.23 -31.19 10.49
N THR A 510 11.04 -31.01 11.52
CA THR A 510 12.06 -32.00 11.84
C THR A 510 11.79 -32.62 13.22
N LYS A 511 11.97 -33.90 13.35
CA LYS A 511 11.77 -34.59 14.62
C LYS A 511 12.54 -33.89 15.69
N PRO A 512 11.94 -33.50 16.77
CA PRO A 512 12.65 -32.67 17.76
C PRO A 512 13.93 -33.24 18.30
N SER A 513 14.00 -34.57 18.52
CA SER A 513 15.28 -35.11 19.04
C SER A 513 16.36 -35.22 18.00
N ILE A 514 16.09 -34.91 16.74
CA ILE A 514 17.05 -34.93 15.65
C ILE A 514 17.46 -33.52 15.29
N TYR A 515 16.57 -32.54 15.44
CA TYR A 515 16.81 -31.13 15.06
C TYR A 515 18.12 -30.61 15.58
N SER A 516 19.01 -30.14 14.72
CA SER A 516 20.38 -29.72 15.06
C SER A 516 20.76 -28.48 14.25
N PRO A 517 20.18 -27.35 14.59
CA PRO A 517 20.31 -26.23 13.66
C PRO A 517 21.65 -25.50 13.74
N ASP A 518 22.07 -25.08 12.58
CA ASP A 518 23.12 -24.08 12.39
C ASP A 518 22.37 -22.85 11.90
N PHE A 519 22.29 -21.83 12.74
CA PHE A 519 21.43 -20.66 12.43
C PHE A 519 21.96 -19.83 11.28
N SER A 520 23.13 -20.10 10.76
CA SER A 520 23.67 -19.45 9.56
C SER A 520 23.42 -20.25 8.28
N PHE A 521 22.95 -21.48 8.39
CA PHE A 521 22.87 -22.36 7.22
C PHE A 521 21.53 -22.23 6.48
N SER A 522 21.55 -22.50 5.22
CA SER A 522 20.31 -22.49 4.41
CA SER A 522 20.43 -22.53 4.32
C SER A 522 19.84 -23.94 4.19
N TYR A 523 18.89 -24.33 5.02
CA TYR A 523 18.24 -25.62 4.90
C TYR A 523 17.31 -25.70 3.73
N PHE A 524 16.64 -24.60 3.40
CA PHE A 524 15.77 -24.50 2.25
C PHE A 524 16.06 -23.18 1.55
N THR A 525 15.80 -23.18 0.25
CA THR A 525 15.68 -21.92 -0.48
C THR A 525 14.25 -21.72 -0.93
N LEU A 526 13.85 -20.46 -0.95
CA LEU A 526 12.54 -20.11 -1.44
C LEU A 526 12.51 -20.16 -2.97
N ASP A 527 11.42 -20.61 -3.53
CA ASP A 527 11.19 -20.60 -4.97
C ASP A 527 9.99 -19.73 -5.21
N ASP A 528 10.13 -18.68 -5.94
CA ASP A 528 9.01 -17.76 -6.20
C ASP A 528 8.88 -17.63 -7.74
N SER A 529 7.72 -18.07 -8.21
CA SER A 529 7.44 -18.09 -9.64
C SER A 529 7.07 -16.73 -10.19
N ARG A 530 6.79 -15.75 -9.33
CA ARG A 530 6.24 -14.48 -9.83
C ARG A 530 7.07 -13.32 -9.37
N TRP A 531 8.19 -13.50 -8.70
CA TRP A 531 9.04 -12.35 -8.36
C TRP A 531 10.49 -12.78 -8.32
N PRO A 532 11.38 -12.07 -9.01
CA PRO A 532 11.10 -10.93 -9.90
C PRO A 532 10.35 -11.30 -11.17
N GLY A 533 10.31 -12.59 -11.51
CA GLY A 533 9.55 -13.13 -12.60
C GLY A 533 10.44 -13.57 -13.73
N SER A 534 9.85 -14.56 -14.44
CA SER A 534 10.41 -15.01 -15.73
C SER A 534 10.37 -13.80 -16.67
N GLY A 535 11.57 -13.63 -17.20
CA GLY A 535 11.85 -12.55 -18.10
C GLY A 535 12.37 -11.32 -17.39
N VAL A 536 12.33 -11.28 -16.04
CA VAL A 536 12.87 -10.09 -15.31
C VAL A 536 14.22 -10.39 -14.73
N GLU A 537 14.30 -11.51 -14.01
CA GLU A 537 15.58 -11.99 -13.46
C GLU A 537 15.61 -13.52 -13.56
N ASP A 538 16.71 -14.13 -14.00
CA ASP A 538 16.65 -15.63 -13.96
C ASP A 538 17.20 -16.03 -12.58
N SER A 539 16.31 -16.16 -11.61
CA SER A 539 16.75 -16.27 -10.22
C SER A 539 16.37 -17.61 -9.65
N ARG A 540 15.48 -18.37 -10.33
CA ARG A 540 14.99 -19.59 -9.75
C ARG A 540 15.99 -20.70 -9.92
N THR A 541 16.01 -21.52 -8.87
CA THR A 541 16.87 -22.66 -8.83
C THR A 541 16.14 -23.85 -9.43
N THR A 542 16.89 -24.55 -10.27
CA THR A 542 16.43 -25.81 -10.78
C THR A 542 16.68 -26.91 -9.80
N ILE A 543 15.69 -27.77 -9.57
CA ILE A 543 15.89 -28.99 -8.83
C ILE A 543 16.60 -29.98 -9.75
N ILE A 544 17.84 -30.30 -9.41
CA ILE A 544 18.69 -31.17 -10.22
C ILE A 544 18.64 -32.60 -9.67
N LEU A 545 18.03 -33.43 -10.52
CA LEU A 545 17.87 -34.83 -10.24
C LEU A 545 18.58 -35.65 -11.33
N GLY A 546 19.02 -36.84 -11.01
CA GLY A 546 19.62 -37.72 -12.04
C GLY A 546 20.12 -38.95 -11.40
N GLU A 547 20.20 -40.01 -12.20
CA GLU A 547 20.56 -41.32 -11.64
C GLU A 547 21.95 -41.36 -11.01
N ASP A 548 22.84 -40.52 -11.49
CA ASP A 548 24.22 -40.52 -10.97
C ASP A 548 24.42 -39.33 -10.03
N ILE A 549 23.38 -38.69 -9.51
CA ILE A 549 23.60 -37.57 -8.57
C ILE A 549 22.59 -37.58 -7.43
N LEU A 550 21.28 -37.64 -7.72
CA LEU A 550 20.26 -37.46 -6.67
C LEU A 550 18.93 -37.93 -7.20
N PRO A 551 18.28 -38.95 -6.63
CA PRO A 551 17.03 -39.41 -7.19
C PRO A 551 15.79 -38.60 -6.87
N SER A 552 15.80 -37.86 -5.77
CA SER A 552 14.58 -37.20 -5.32
C SER A 552 14.90 -35.96 -4.48
N LYS A 553 13.87 -35.13 -4.31
CA LYS A 553 13.97 -33.87 -3.58
C LYS A 553 12.70 -33.59 -2.81
N HIS A 554 12.85 -33.22 -1.56
CA HIS A 554 11.72 -32.70 -0.75
C HIS A 554 11.52 -31.22 -1.01
N VAL A 555 10.24 -30.87 -1.12
CA VAL A 555 9.78 -29.49 -1.18
C VAL A 555 8.68 -29.31 -0.14
N VAL A 556 8.54 -28.07 0.34
CA VAL A 556 7.59 -27.76 1.39
C VAL A 556 6.78 -26.50 0.97
N MET A 557 5.50 -26.54 1.15
CA MET A 557 4.63 -25.37 0.96
C MET A 557 4.14 -24.85 2.29
N HIS A 558 4.10 -23.51 2.40
CA HIS A 558 3.51 -22.82 3.54
C HIS A 558 2.27 -22.09 3.09
N ASN A 559 1.24 -22.10 3.93
CA ASN A 559 -0.01 -21.40 3.73
C ASN A 559 -0.26 -20.45 4.88
N THR A 560 -0.07 -19.14 4.66
CA THR A 560 -0.22 -18.18 5.73
C THR A 560 -1.69 -17.92 6.08
N LEU A 561 -2.63 -18.26 5.23
CA LEU A 561 -4.03 -17.99 5.46
C LEU A 561 -4.63 -19.00 6.41
N PRO A 562 -5.59 -18.60 7.24
CA PRO A 562 -6.20 -19.49 8.25
C PRO A 562 -7.31 -20.36 7.73
N HIS A 563 -7.15 -20.92 6.52
CA HIS A 563 -8.07 -21.93 6.04
C HIS A 563 -7.30 -22.92 5.19
N TRP A 564 -7.77 -24.16 5.08
CA TRP A 564 -7.14 -25.09 4.15
C TRP A 564 -7.07 -24.51 2.77
N ARG A 565 -5.96 -24.73 2.08
CA ARG A 565 -5.91 -24.25 0.72
C ARG A 565 -5.28 -25.28 -0.19
N GLU A 566 -5.86 -25.40 -1.34
CA GLU A 566 -5.25 -26.14 -2.42
C GLU A 566 -4.86 -25.10 -3.48
N GLN A 567 -3.71 -25.27 -4.06
CA GLN A 567 -3.26 -24.30 -5.09
C GLN A 567 -2.25 -25.08 -5.93
N LEU A 568 -2.28 -24.89 -7.24
CA LEU A 568 -1.17 -25.37 -8.05
C LEU A 568 0.09 -24.63 -7.71
N VAL A 569 1.18 -25.37 -7.62
CA VAL A 569 2.52 -24.87 -7.41
C VAL A 569 3.42 -25.44 -8.53
N ASP A 570 4.42 -24.68 -8.91
CA ASP A 570 5.37 -25.16 -9.92
CA ASP A 570 5.38 -25.16 -9.88
C ASP A 570 6.82 -25.01 -9.44
N PHE A 571 7.63 -25.92 -9.97
CA PHE A 571 9.04 -25.93 -9.74
C PHE A 571 9.78 -26.18 -11.06
N TYR A 572 11.00 -25.72 -11.17
CA TYR A 572 11.88 -26.09 -12.27
C TYR A 572 12.63 -27.37 -11.89
N VAL A 573 12.71 -28.29 -12.82
CA VAL A 573 13.37 -29.60 -12.65
C VAL A 573 14.25 -29.87 -13.86
N SER A 574 15.30 -30.67 -13.65
CA SER A 574 16.26 -30.95 -14.71
C SER A 574 15.88 -32.11 -15.60
N SER A 575 14.73 -32.73 -15.43
CA SER A 575 14.25 -33.82 -16.26
C SER A 575 12.74 -33.69 -16.44
N PRO A 576 12.17 -34.10 -17.56
CA PRO A 576 10.73 -34.11 -17.67
C PRO A 576 10.13 -35.32 -17.00
N PHE A 577 10.94 -36.31 -16.62
CA PHE A 577 10.39 -37.58 -16.11
C PHE A 577 10.44 -37.56 -14.60
N VAL A 578 9.52 -36.77 -14.03
CA VAL A 578 9.44 -36.49 -12.60
C VAL A 578 8.01 -36.75 -12.14
N SER A 579 7.93 -37.40 -10.98
CA SER A 579 6.62 -37.59 -10.40
C SER A 579 6.66 -37.10 -8.94
N VAL A 580 5.44 -36.88 -8.49
CA VAL A 580 5.23 -36.25 -7.19
C VAL A 580 4.47 -37.20 -6.28
N THR A 581 4.87 -37.19 -5.01
CA THR A 581 4.20 -37.90 -3.94
C THR A 581 4.10 -37.00 -2.72
N ASP A 582 3.13 -37.27 -1.84
CA ASP A 582 3.01 -36.60 -0.58
C ASP A 582 3.86 -37.38 0.43
N LEU A 583 3.92 -36.97 1.70
CA LEU A 583 4.85 -37.75 2.53
C LEU A 583 4.12 -38.94 3.13
N ALA A 584 3.01 -39.42 2.60
CA ALA A 584 2.55 -40.78 2.84
C ALA A 584 2.82 -41.63 1.59
N ASN A 585 3.62 -41.08 0.68
CA ASN A 585 3.96 -41.74 -0.58
C ASN A 585 2.73 -41.94 -1.46
N ASN A 586 1.67 -41.15 -1.31
CA ASN A 586 0.53 -41.19 -2.19
C ASN A 586 0.90 -40.40 -3.45
N PRO A 587 0.65 -40.94 -4.63
CA PRO A 587 0.93 -40.19 -5.86
C PRO A 587 0.05 -38.96 -5.92
N VAL A 588 0.62 -37.91 -6.50
CA VAL A 588 -0.02 -36.66 -6.77
C VAL A 588 0.01 -36.39 -8.26
N GLU A 589 -1.13 -36.08 -8.87
CA GLU A 589 -1.17 -35.80 -10.30
CA GLU A 589 -1.13 -35.83 -10.31
C GLU A 589 -0.32 -34.58 -10.63
N ALA A 590 0.48 -34.65 -11.68
CA ALA A 590 1.35 -33.53 -12.03
C ALA A 590 1.29 -33.33 -13.53
N GLN A 591 1.68 -32.14 -13.96
CA GLN A 591 1.81 -31.73 -15.34
C GLN A 591 3.22 -31.18 -15.54
N VAL A 592 3.90 -31.60 -16.61
CA VAL A 592 5.17 -31.01 -16.96
C VAL A 592 4.95 -30.21 -18.24
N SER A 593 5.59 -29.04 -18.27
CA SER A 593 5.54 -28.08 -19.36
C SER A 593 6.96 -27.65 -19.65
N PRO A 594 7.24 -27.09 -20.82
CA PRO A 594 8.56 -26.51 -21.08
C PRO A 594 8.78 -25.23 -20.27
N VAL A 595 10.06 -24.82 -20.22
CA VAL A 595 10.43 -23.49 -19.70
C VAL A 595 10.59 -22.59 -20.91
N TRP A 596 9.66 -21.67 -21.12
CA TRP A 596 9.67 -20.76 -22.27
C TRP A 596 10.15 -19.40 -21.83
N SER A 597 11.03 -18.84 -22.64
CA SER A 597 11.50 -17.49 -22.39
C SER A 597 11.39 -16.69 -23.70
N TRP A 598 11.06 -15.40 -23.55
CA TRP A 598 10.83 -14.58 -24.75
C TRP A 598 12.01 -13.72 -25.04
N HIS A 599 12.34 -13.62 -26.32
CA HIS A 599 13.55 -12.91 -26.72
C HIS A 599 13.22 -11.86 -27.77
N HIS A 600 13.68 -10.63 -27.59
CA HIS A 600 13.57 -9.62 -28.63
C HIS A 600 14.72 -9.86 -29.57
N ASP A 601 14.45 -10.60 -30.62
CA ASP A 601 15.45 -10.92 -31.63
C ASP A 601 15.75 -9.70 -32.49
N THR A 602 16.92 -9.12 -32.19
CA THR A 602 17.35 -7.93 -32.91
C THR A 602 17.79 -8.30 -34.33
N LEU A 603 18.05 -9.58 -34.62
CA LEU A 603 18.41 -9.93 -35.99
C LEU A 603 17.19 -10.02 -36.89
N THR A 604 16.11 -10.59 -36.38
CA THR A 604 14.87 -10.68 -37.13
C THR A 604 13.86 -9.61 -36.77
N LYS A 605 14.08 -8.84 -35.69
CA LYS A 605 13.15 -7.76 -35.28
C LYS A 605 11.79 -8.38 -34.97
N THR A 606 11.81 -9.54 -34.34
CA THR A 606 10.58 -10.11 -33.82
C THR A 606 10.79 -10.44 -32.34
N ILE A 607 9.69 -10.64 -31.65
CA ILE A 607 9.71 -11.08 -30.26
C ILE A 607 9.11 -12.47 -30.25
N HIS A 608 9.90 -13.47 -29.76
CA HIS A 608 9.44 -14.84 -29.94
C HIS A 608 10.01 -15.68 -28.81
N PRO A 609 9.42 -16.81 -28.54
CA PRO A 609 9.83 -17.65 -27.42
C PRO A 609 10.84 -18.71 -27.82
N GLN A 610 11.69 -18.99 -26.81
CA GLN A 610 12.65 -20.09 -26.96
C GLN A 610 12.44 -21.04 -25.80
N GLY A 611 12.56 -22.31 -26.00
CA GLY A 611 12.36 -23.27 -24.94
C GLY A 611 13.67 -23.81 -24.45
N SER A 612 13.71 -24.13 -23.17
CA SER A 612 14.90 -24.75 -22.63
C SER A 612 15.01 -26.20 -23.07
N THR A 613 16.22 -26.69 -23.25
CA THR A 613 16.49 -28.07 -23.56
C THR A 613 17.09 -28.79 -22.35
N THR A 614 17.10 -28.18 -21.18
CA THR A 614 17.69 -28.85 -20.01
C THR A 614 16.93 -28.61 -18.72
N LYS A 615 15.91 -27.73 -18.70
CA LYS A 615 15.07 -27.63 -17.48
C LYS A 615 13.63 -27.52 -17.95
N TYR A 616 12.73 -27.98 -17.07
CA TYR A 616 11.30 -28.17 -17.34
C TYR A 616 10.53 -27.70 -16.14
N ARG A 617 9.24 -27.42 -16.34
CA ARG A 617 8.39 -26.98 -15.23
C ARG A 617 7.48 -28.13 -14.84
N ILE A 618 7.45 -28.47 -13.56
CA ILE A 618 6.48 -29.40 -13.03
C ILE A 618 5.49 -28.67 -12.15
N ILE A 619 4.22 -28.99 -12.37
CA ILE A 619 3.09 -28.36 -11.70
C ILE A 619 2.21 -29.40 -11.04
N PHE A 620 1.78 -29.14 -9.84
CA PHE A 620 0.91 -30.05 -9.13
C PHE A 620 0.12 -29.29 -8.09
N LYS A 621 -0.99 -29.89 -7.61
CA LYS A 621 -1.79 -29.24 -6.59
C LYS A 621 -1.27 -29.59 -5.21
N ALA A 622 -0.87 -28.55 -4.46
CA ALA A 622 -0.49 -28.70 -3.07
C ALA A 622 -1.69 -28.43 -2.17
N ARG A 623 -1.88 -29.26 -1.15
CA ARG A 623 -2.94 -29.07 -0.17
C ARG A 623 -2.31 -28.80 1.19
N VAL A 624 -2.59 -27.62 1.75
CA VAL A 624 -1.81 -27.12 2.87
C VAL A 624 -2.74 -26.69 4.01
N PRO A 625 -2.43 -27.09 5.25
CA PRO A 625 -3.29 -26.74 6.38
C PRO A 625 -3.37 -25.24 6.61
N PRO A 626 -4.37 -24.83 7.40
CA PRO A 626 -4.47 -23.39 7.81
C PRO A 626 -3.18 -23.02 8.52
N MET A 627 -2.57 -21.90 8.15
CA MET A 627 -1.37 -21.40 8.84
C MET A 627 -0.34 -22.52 9.00
N GLY A 628 -0.19 -23.34 7.96
CA GLY A 628 0.52 -24.60 8.08
C GLY A 628 1.46 -24.92 6.94
N LEU A 629 1.98 -26.14 6.99
CA LEU A 629 3.00 -26.61 6.06
C LEU A 629 2.65 -28.01 5.56
N ALA A 630 3.05 -28.30 4.34
CA ALA A 630 2.90 -29.62 3.71
C ALA A 630 4.11 -29.97 2.89
N THR A 631 4.59 -31.19 3.04
CA THR A 631 5.80 -31.68 2.40
C THR A 631 5.46 -32.59 1.22
N TYR A 632 6.15 -32.44 0.10
CA TYR A 632 6.01 -33.31 -1.04
C TYR A 632 7.41 -33.74 -1.49
N VAL A 633 7.43 -34.80 -2.29
CA VAL A 633 8.68 -35.35 -2.84
C VAL A 633 8.58 -35.44 -4.36
N LEU A 634 9.63 -34.95 -5.02
CA LEU A 634 9.79 -35.05 -6.48
C LEU A 634 10.83 -36.12 -6.76
N THR A 635 10.53 -37.09 -7.59
CA THR A 635 11.41 -38.22 -7.89
C THR A 635 11.56 -38.41 -9.37
N ILE A 636 12.79 -38.62 -9.81
CA ILE A 636 13.05 -38.86 -11.22
C ILE A 636 12.82 -40.32 -11.60
N SER A 637 12.48 -40.53 -12.88
CA SER A 637 12.43 -41.90 -13.40
C SER A 637 13.02 -41.87 -14.80
N ASP A 638 13.22 -43.06 -15.35
CA ASP A 638 13.88 -43.13 -16.64
C ASP A 638 12.86 -42.96 -17.76
N SER A 639 11.57 -42.92 -17.46
CA SER A 639 10.62 -42.71 -18.54
C SER A 639 9.37 -42.05 -18.00
N LYS A 640 8.40 -41.77 -18.84
CA LYS A 640 7.22 -41.05 -18.39
C LYS A 640 6.58 -41.74 -17.20
N PRO A 641 6.42 -41.09 -16.06
CA PRO A 641 5.74 -41.66 -14.91
C PRO A 641 4.22 -41.75 -15.04
N GLU A 642 3.59 -42.65 -14.32
CA GLU A 642 2.15 -42.87 -14.45
C GLU A 642 1.26 -41.67 -14.17
N HIS A 643 1.67 -40.85 -13.22
CA HIS A 643 0.80 -39.76 -12.72
C HIS A 643 1.28 -38.37 -13.17
N THR A 644 2.07 -38.29 -14.22
CA THR A 644 2.55 -37.04 -14.78
C THR A 644 2.16 -36.96 -16.25
N SER A 645 1.52 -35.88 -16.63
CA SER A 645 1.11 -35.60 -18.01
C SER A 645 2.00 -34.51 -18.56
N TYR A 646 1.95 -34.35 -19.87
CA TYR A 646 2.77 -33.41 -20.59
C TYR A 646 1.93 -32.47 -21.41
N ALA A 647 2.16 -31.17 -21.29
CA ALA A 647 1.41 -30.19 -22.06
C ALA A 647 1.77 -30.25 -23.54
N SER A 648 0.79 -29.94 -24.38
CA SER A 648 1.10 -29.70 -25.79
CA SER A 648 0.99 -29.68 -25.79
C SER A 648 1.43 -28.23 -25.94
N ASN A 649 2.13 -27.88 -27.01
CA ASN A 649 2.57 -26.53 -27.28
C ASN A 649 2.37 -26.23 -28.77
N LEU A 650 1.79 -25.10 -29.03
CA LEU A 650 1.45 -24.63 -30.38
C LEU A 650 1.96 -23.22 -30.54
N LEU A 651 2.84 -23.00 -31.53
CA LEU A 651 3.39 -21.69 -31.83
C LEU A 651 2.69 -21.17 -33.09
N LEU A 652 2.00 -20.07 -32.99
CA LEU A 652 1.26 -19.44 -34.07
C LEU A 652 2.05 -18.22 -34.56
N ARG A 653 2.54 -18.35 -35.81
CA ARG A 653 3.30 -17.29 -36.45
C ARG A 653 3.54 -17.73 -37.91
N LYS A 654 3.57 -16.77 -38.82
CA LYS A 654 4.05 -17.10 -40.14
C LYS A 654 5.56 -17.32 -40.10
N ASN A 655 6.19 -18.02 -41.02
CA ASN A 655 7.66 -18.14 -40.98
C ASN A 655 8.21 -18.77 -39.72
N PRO A 656 7.65 -19.88 -39.25
CA PRO A 656 8.23 -20.40 -38.03
C PRO A 656 9.53 -21.10 -38.34
N THR A 657 10.24 -21.25 -37.22
CA THR A 657 11.42 -22.12 -37.22
C THR A 657 11.26 -23.08 -36.03
N SER A 658 12.04 -24.13 -36.03
CA SER A 658 11.93 -25.22 -35.08
C SER A 658 12.21 -24.75 -33.65
N LEU A 659 11.66 -25.50 -32.70
CA LEU A 659 11.77 -25.26 -31.25
C LEU A 659 12.08 -26.59 -30.55
N PRO A 660 13.31 -27.05 -30.54
CA PRO A 660 13.66 -28.30 -29.86
C PRO A 660 13.56 -28.07 -28.34
N LEU A 661 13.23 -29.18 -27.67
CA LEU A 661 12.96 -29.10 -26.22
C LEU A 661 13.68 -30.21 -25.47
N GLY A 662 14.82 -30.67 -25.97
CA GLY A 662 15.57 -31.68 -25.23
C GLY A 662 14.76 -32.94 -25.03
N GLN A 663 14.65 -33.44 -23.80
CA GLN A 663 13.97 -34.68 -23.51
C GLN A 663 12.45 -34.55 -23.44
N TYR A 664 11.93 -33.31 -23.54
CA TYR A 664 10.48 -33.17 -23.43
C TYR A 664 9.75 -34.03 -24.46
N PRO A 665 8.81 -34.85 -24.01
CA PRO A 665 8.30 -35.91 -24.91
C PRO A 665 7.27 -35.52 -25.97
N GLU A 666 6.79 -34.30 -26.04
CA GLU A 666 5.80 -33.89 -27.06
CA GLU A 666 5.78 -33.88 -27.05
C GLU A 666 6.44 -32.85 -27.95
N ASP A 667 6.47 -33.03 -29.28
CA ASP A 667 6.98 -32.05 -30.20
C ASP A 667 6.09 -30.81 -30.31
N VAL A 668 6.72 -29.65 -30.35
CA VAL A 668 5.98 -28.41 -30.59
C VAL A 668 5.32 -28.44 -31.94
N LYS A 669 4.11 -27.93 -31.98
CA LYS A 669 3.32 -27.84 -33.22
C LYS A 669 3.34 -26.39 -33.70
N PHE A 670 3.17 -26.12 -34.96
CA PHE A 670 3.20 -24.82 -35.54
C PHE A 670 1.97 -24.54 -36.39
N GLY A 671 1.54 -23.28 -36.52
CA GLY A 671 0.45 -22.89 -37.41
C GLY A 671 0.47 -21.43 -37.69
N ASP A 672 -0.29 -21.02 -38.70
CA ASP A 672 -0.48 -19.59 -38.89
C ASP A 672 -1.38 -18.99 -37.80
N PRO A 673 -1.23 -17.69 -37.54
CA PRO A 673 -2.09 -17.04 -36.54
C PRO A 673 -3.57 -17.36 -36.78
N ARG A 674 -4.29 -17.61 -35.72
CA ARG A 674 -5.69 -17.97 -35.80
C ARG A 674 -6.38 -17.76 -34.45
N GLU A 675 -7.67 -17.55 -34.46
CA GLU A 675 -8.42 -17.49 -33.22
C GLU A 675 -8.36 -18.86 -32.54
N ILE A 676 -8.35 -18.84 -31.21
CA ILE A 676 -8.40 -20.15 -30.56
CA ILE A 676 -8.08 -19.98 -30.33
C ILE A 676 -9.14 -20.01 -29.25
N SER A 677 -9.59 -21.13 -28.74
CA SER A 677 -10.28 -21.18 -27.49
CA SER A 677 -10.37 -21.25 -27.52
C SER A 677 -9.74 -22.30 -26.62
N LEU A 678 -9.79 -22.13 -25.35
CA LEU A 678 -9.29 -23.06 -24.36
C LEU A 678 -10.24 -23.20 -23.17
N ARG A 679 -10.25 -24.38 -22.59
CA ARG A 679 -10.94 -24.66 -21.34
C ARG A 679 -10.12 -25.65 -20.49
N VAL A 680 -9.86 -25.30 -19.23
CA VAL A 680 -9.24 -26.21 -18.29
C VAL A 680 -10.29 -26.70 -17.34
N GLY A 681 -10.29 -28.03 -17.07
CA GLY A 681 -11.24 -28.55 -16.10
C GLY A 681 -12.66 -28.26 -16.54
N ASN A 682 -13.53 -27.92 -15.59
CA ASN A 682 -14.94 -27.70 -15.99
C ASN A 682 -15.16 -26.20 -15.92
N GLY A 683 -14.04 -25.46 -15.98
CA GLY A 683 -14.00 -24.04 -15.80
C GLY A 683 -14.48 -23.23 -17.00
N PRO A 684 -14.24 -21.92 -17.03
CA PRO A 684 -14.70 -21.14 -18.16
C PRO A 684 -13.93 -21.53 -19.42
N THR A 685 -14.59 -21.27 -20.54
CA THR A 685 -13.96 -21.35 -21.86
C THR A 685 -13.60 -19.94 -22.33
N LEU A 686 -12.33 -19.72 -22.65
CA LEU A 686 -11.82 -18.43 -23.06
C LEU A 686 -11.50 -18.49 -24.57
N ALA A 687 -11.94 -17.43 -25.28
CA ALA A 687 -11.62 -17.31 -26.68
C ALA A 687 -10.66 -16.13 -26.88
N PHE A 688 -9.72 -16.31 -27.78
CA PHE A 688 -8.63 -15.37 -28.06
C PHE A 688 -8.60 -14.97 -29.52
N SER A 689 -8.25 -13.70 -29.75
CA SER A 689 -8.04 -13.22 -31.10
C SER A 689 -6.79 -13.84 -31.71
N GLU A 690 -6.59 -13.58 -33.00
CA GLU A 690 -5.36 -14.09 -33.65
C GLU A 690 -4.12 -13.37 -33.15
N GLN A 691 -4.29 -12.26 -32.43
CA GLN A 691 -3.16 -11.59 -31.81
C GLN A 691 -2.92 -12.05 -30.36
N GLY A 692 -3.61 -13.08 -29.91
CA GLY A 692 -3.35 -13.66 -28.61
C GLY A 692 -4.00 -12.97 -27.45
N LEU A 693 -5.02 -12.16 -27.70
CA LEU A 693 -5.68 -11.38 -26.66
C LEU A 693 -7.08 -11.87 -26.46
N LEU A 694 -7.49 -11.93 -25.20
CA LEU A 694 -8.85 -12.39 -24.87
C LEU A 694 -9.89 -11.62 -25.66
N LYS A 695 -10.88 -12.35 -26.15
CA LYS A 695 -12.05 -11.70 -26.72
C LYS A 695 -13.34 -12.10 -26.08
N SER A 696 -13.48 -13.25 -25.43
CA SER A 696 -14.74 -13.62 -24.79
C SER A 696 -14.51 -14.68 -23.73
N ILE A 697 -15.47 -14.71 -22.78
CA ILE A 697 -15.49 -15.68 -21.72
C ILE A 697 -16.84 -16.38 -21.69
N GLN A 698 -16.84 -17.71 -21.69
CA GLN A 698 -18.07 -18.51 -21.54
C GLN A 698 -18.02 -19.22 -20.19
N LEU A 699 -18.86 -18.87 -19.24
CA LEU A 699 -18.74 -19.38 -17.89
C LEU A 699 -19.04 -20.85 -17.82
N THR A 700 -20.03 -21.32 -18.55
CA THR A 700 -20.43 -22.72 -18.48
C THR A 700 -20.80 -23.24 -19.87
N GLN A 701 -21.09 -24.53 -19.93
CA GLN A 701 -21.24 -25.24 -21.19
C GLN A 701 -22.23 -24.59 -22.14
N ASP A 702 -23.39 -24.19 -21.63
CA ASP A 702 -24.41 -23.63 -22.52
C ASP A 702 -24.50 -22.11 -22.55
N SER A 703 -23.71 -21.46 -21.70
CA SER A 703 -23.94 -20.05 -21.42
C SER A 703 -23.37 -19.23 -22.57
N PRO A 704 -23.69 -17.95 -22.63
CA PRO A 704 -23.20 -17.10 -23.71
C PRO A 704 -21.72 -16.89 -23.69
N HIS A 705 -21.12 -16.70 -24.87
CA HIS A 705 -19.73 -16.22 -24.91
C HIS A 705 -19.78 -14.70 -24.71
N VAL A 706 -19.47 -14.30 -23.49
CA VAL A 706 -19.55 -12.89 -23.11
C VAL A 706 -18.39 -12.06 -23.64
N PRO A 707 -18.61 -11.01 -24.41
CA PRO A 707 -17.46 -10.24 -24.92
C PRO A 707 -16.68 -9.62 -23.77
N VAL A 708 -15.38 -9.93 -23.76
CA VAL A 708 -14.43 -9.35 -22.79
C VAL A 708 -13.16 -9.24 -23.56
N HIS A 709 -12.76 -8.04 -23.97
N HIS A 709 -12.76 -8.04 -23.95
CA HIS A 709 -11.64 -7.88 -24.90
CA HIS A 709 -11.64 -7.89 -24.86
C HIS A 709 -10.50 -7.11 -24.23
C HIS A 709 -10.49 -7.10 -24.23
N PHE A 710 -9.30 -7.68 -24.22
CA PHE A 710 -8.13 -6.94 -23.79
C PHE A 710 -7.55 -6.16 -24.94
N LYS A 711 -7.04 -4.96 -24.65
CA LYS A 711 -6.40 -4.11 -25.64
C LYS A 711 -5.30 -3.33 -24.91
N PHE A 712 -4.21 -3.09 -25.58
CA PHE A 712 -3.15 -2.21 -25.08
C PHE A 712 -3.16 -0.92 -25.88
N LEU A 713 -3.08 0.20 -25.19
CA LEU A 713 -3.07 1.52 -25.76
C LEU A 713 -1.96 2.36 -25.15
N LYS A 714 -1.67 3.55 -25.72
CA LYS A 714 -0.62 4.47 -25.26
C LYS A 714 -1.23 5.86 -25.08
N TYR A 715 -0.86 6.45 -23.95
CA TYR A 715 -1.00 7.87 -23.75
C TYR A 715 0.31 8.58 -24.03
N GLY A 716 0.22 9.81 -24.51
CA GLY A 716 1.41 10.63 -24.69
C GLY A 716 1.40 11.81 -23.73
N VAL A 717 2.23 12.80 -24.04
CA VAL A 717 2.51 13.99 -23.24
C VAL A 717 2.24 15.21 -24.10
N ARG A 718 1.80 16.28 -23.46
CA ARG A 718 1.46 17.50 -24.17
C ARG A 718 2.71 18.18 -24.71
N SER A 719 2.59 18.78 -25.89
CA SER A 719 3.71 19.51 -26.48
C SER A 719 3.59 20.99 -26.15
N HIS A 720 2.54 21.48 -25.53
N HIS A 720 2.52 21.41 -25.51
CA HIS A 720 2.34 22.85 -25.08
CA HIS A 720 2.35 22.74 -24.96
C HIS A 720 1.72 22.80 -23.68
C HIS A 720 1.77 22.64 -23.55
N GLY A 721 2.10 23.67 -22.77
CA GLY A 721 1.58 23.69 -21.40
C GLY A 721 2.29 22.67 -20.54
N ASP A 722 1.52 22.10 -19.60
CA ASP A 722 2.18 21.37 -18.53
C ASP A 722 2.47 19.94 -18.95
N ARG A 723 3.62 19.47 -18.52
CA ARG A 723 4.04 18.11 -18.86
C ARG A 723 3.82 17.10 -17.72
N SER A 724 3.42 15.90 -18.11
CA SER A 724 3.40 14.77 -17.18
C SER A 724 4.76 14.51 -16.61
N GLY A 725 4.82 14.05 -15.35
CA GLY A 725 6.05 13.66 -14.71
C GLY A 725 5.73 12.60 -13.69
N ALA A 726 6.61 12.41 -12.69
CA ALA A 726 6.41 11.37 -11.71
C ALA A 726 5.10 11.49 -10.95
N TYR A 727 4.67 12.73 -10.69
CA TYR A 727 3.47 12.99 -9.92
C TYR A 727 2.23 13.12 -10.80
N LEU A 728 2.31 13.97 -11.81
CA LEU A 728 1.19 14.42 -12.62
C LEU A 728 0.96 13.55 -13.85
N PHE A 729 -0.32 13.28 -14.14
CA PHE A 729 -0.76 12.66 -15.37
C PHE A 729 -1.50 13.73 -16.19
N LEU A 730 -0.88 14.14 -17.30
CA LEU A 730 -1.42 15.23 -18.14
C LEU A 730 -1.43 14.76 -19.57
N PRO A 731 -2.32 13.82 -19.89
CA PRO A 731 -2.26 13.19 -21.23
C PRO A 731 -2.59 14.20 -22.31
N ASN A 732 -2.10 13.89 -23.49
CA ASN A 732 -2.46 14.69 -24.69
C ASN A 732 -3.65 14.02 -25.37
N GLY A 733 -4.75 13.84 -24.67
CA GLY A 733 -5.99 13.29 -25.19
C GLY A 733 -6.06 11.82 -24.82
N PRO A 734 -7.19 11.23 -25.23
CA PRO A 734 -7.39 9.78 -25.04
C PRO A 734 -6.31 8.94 -25.69
N ALA A 735 -6.16 7.74 -25.08
CA ALA A 735 -5.11 6.85 -25.54
C ALA A 735 -5.34 6.32 -26.95
N SER A 736 -4.24 6.01 -27.63
CA SER A 736 -4.20 5.51 -29.02
C SER A 736 -3.78 4.05 -28.96
N PRO A 737 -4.38 3.16 -29.78
CA PRO A 737 -3.95 1.76 -29.73
C PRO A 737 -2.50 1.51 -30.05
N VAL A 738 -1.87 0.61 -29.29
CA VAL A 738 -0.52 0.14 -29.67
C VAL A 738 -0.62 -0.61 -30.99
N GLU A 739 0.28 -0.27 -31.94
CA GLU A 739 0.28 -1.03 -33.20
C GLU A 739 0.88 -2.40 -32.97
N LEU A 740 0.13 -3.48 -33.16
CA LEU A 740 0.68 -4.77 -32.76
C LEU A 740 1.40 -5.53 -33.81
N GLY A 741 1.25 -5.14 -35.09
CA GLY A 741 1.92 -5.94 -36.12
C GLY A 741 1.31 -7.33 -36.20
N GLN A 742 2.12 -8.36 -36.40
CA GLN A 742 1.70 -9.74 -36.45
C GLN A 742 2.45 -10.51 -35.35
N PRO A 743 1.98 -10.35 -34.10
CA PRO A 743 2.80 -10.87 -33.00
C PRO A 743 2.75 -12.38 -32.96
N VAL A 744 3.81 -12.96 -32.37
CA VAL A 744 3.94 -14.41 -32.17
C VAL A 744 3.14 -14.84 -30.92
N VAL A 745 2.33 -15.89 -31.09
CA VAL A 745 1.45 -16.40 -30.05
C VAL A 745 1.82 -17.81 -29.68
N LEU A 746 1.98 -18.12 -28.40
CA LEU A 746 2.35 -19.42 -27.89
C LEU A 746 1.20 -19.96 -27.06
N VAL A 747 0.67 -21.10 -27.43
CA VAL A 747 -0.43 -21.75 -26.71
C VAL A 747 0.12 -23.01 -26.05
N THR A 748 0.00 -23.13 -24.75
CA THR A 748 0.35 -24.35 -23.99
C THR A 748 -0.92 -24.93 -23.43
N LYS A 749 -1.18 -26.22 -23.71
CA LYS A 749 -2.45 -26.83 -23.30
C LYS A 749 -2.12 -28.02 -22.44
N GLY A 750 -2.54 -27.98 -21.20
CA GLY A 750 -2.27 -29.04 -20.25
C GLY A 750 -3.55 -29.42 -19.48
N LYS A 751 -3.50 -30.54 -18.79
CA LYS A 751 -4.67 -30.96 -18.04
C LYS A 751 -4.88 -30.10 -16.80
N LEU A 752 -3.79 -29.62 -16.22
CA LEU A 752 -3.88 -28.81 -15.00
C LEU A 752 -3.79 -27.32 -15.27
N GLU A 753 -3.04 -26.91 -16.27
CA GLU A 753 -2.79 -25.51 -16.56
C GLU A 753 -2.55 -25.33 -18.05
N SER A 754 -3.23 -24.32 -18.61
CA SER A 754 -3.07 -23.93 -19.98
C SER A 754 -2.79 -22.43 -20.04
N SER A 755 -2.23 -21.94 -21.12
CA SER A 755 -1.95 -20.54 -21.28
C SER A 755 -1.85 -20.13 -22.73
N VAL A 756 -2.07 -18.83 -22.92
CA VAL A 756 -1.83 -18.15 -24.19
C VAL A 756 -0.88 -16.98 -23.89
N SER A 757 0.24 -16.91 -24.56
CA SER A 757 1.25 -15.88 -24.37
C SER A 757 1.51 -15.18 -25.69
N VAL A 758 1.66 -13.88 -25.69
CA VAL A 758 1.93 -13.16 -26.94
C VAL A 758 2.96 -12.08 -26.69
N GLY A 759 3.91 -11.93 -27.61
CA GLY A 759 4.96 -10.94 -27.54
C GLY A 759 4.54 -9.69 -28.27
N LEU A 760 3.96 -8.75 -27.56
CA LEU A 760 3.56 -7.46 -28.08
C LEU A 760 4.66 -6.45 -27.92
N PRO A 761 4.61 -5.33 -28.62
CA PRO A 761 5.54 -4.24 -28.36
C PRO A 761 5.37 -3.77 -26.90
N SER A 762 6.47 -3.88 -26.17
CA SER A 762 6.66 -3.48 -24.79
C SER A 762 6.02 -4.44 -23.79
N VAL A 763 5.28 -5.47 -24.19
CA VAL A 763 4.59 -6.33 -23.22
C VAL A 763 4.56 -7.77 -23.72
N VAL A 764 5.06 -8.71 -22.90
CA VAL A 764 4.75 -10.12 -23.10
C VAL A 764 3.49 -10.37 -22.24
N HIS A 765 2.37 -10.57 -22.90
CA HIS A 765 1.07 -10.69 -22.26
C HIS A 765 0.66 -12.15 -22.17
N GLN A 766 0.28 -12.62 -21.01
CA GLN A 766 0.00 -14.03 -20.76
CA GLN A 766 -0.04 -14.02 -20.82
C GLN A 766 -1.36 -14.17 -20.07
N THR A 767 -2.17 -15.07 -20.55
CA THR A 767 -3.43 -15.46 -19.92
C THR A 767 -3.28 -16.94 -19.53
N ILE A 768 -3.42 -17.22 -18.24
CA ILE A 768 -3.21 -18.52 -17.65
C ILE A 768 -4.50 -19.03 -17.05
N MET A 769 -4.79 -20.31 -17.34
CA MET A 769 -6.02 -20.95 -16.93
CA MET A 769 -6.03 -20.93 -16.90
C MET A 769 -5.72 -22.17 -16.09
N ARG A 770 -6.29 -22.21 -14.91
CA ARG A 770 -6.18 -23.37 -14.04
CA ARG A 770 -6.20 -23.39 -14.06
C ARG A 770 -7.50 -24.01 -13.62
N GLY A 771 -8.59 -23.59 -14.25
CA GLY A 771 -9.89 -24.21 -13.96
C GLY A 771 -10.86 -23.23 -13.36
N GLY A 772 -10.43 -22.05 -13.00
CA GLY A 772 -11.30 -20.99 -12.44
C GLY A 772 -11.00 -19.66 -13.16
N ALA A 773 -11.10 -18.57 -12.42
CA ALA A 773 -10.78 -17.26 -12.98
C ALA A 773 -9.37 -17.24 -13.59
N PRO A 774 -9.19 -16.74 -14.78
CA PRO A 774 -7.85 -16.66 -15.32
C PRO A 774 -6.93 -15.75 -14.52
N GLU A 775 -5.66 -15.99 -14.69
CA GLU A 775 -4.56 -15.15 -14.26
C GLU A 775 -3.95 -14.48 -15.45
N ILE A 776 -3.67 -13.19 -15.34
CA ILE A 776 -3.01 -12.41 -16.37
C ILE A 776 -1.64 -12.04 -15.86
N ARG A 777 -0.61 -12.23 -16.67
CA ARG A 777 0.72 -11.69 -16.33
C ARG A 777 1.22 -10.87 -17.49
N ASN A 778 1.73 -9.68 -17.18
CA ASN A 778 2.33 -8.80 -18.19
C ASN A 778 3.76 -8.57 -17.85
N LEU A 779 4.68 -8.97 -18.72
CA LEU A 779 6.10 -8.63 -18.57
C LEU A 779 6.26 -7.30 -19.34
N VAL A 780 6.33 -6.22 -18.63
CA VAL A 780 6.27 -4.88 -19.20
C VAL A 780 7.67 -4.28 -19.27
N ASP A 781 8.13 -3.98 -20.50
CA ASP A 781 9.43 -3.40 -20.75
C ASP A 781 9.22 -2.23 -21.72
N ILE A 782 9.00 -1.05 -21.22
CA ILE A 782 8.73 0.15 -22.02
C ILE A 782 9.96 0.63 -22.70
N GLY A 783 11.12 0.07 -22.41
CA GLY A 783 12.27 0.24 -23.33
C GLY A 783 12.64 1.71 -23.42
N SER A 784 12.81 2.20 -24.60
CA SER A 784 13.21 3.63 -24.66
C SER A 784 12.08 4.44 -25.25
N LEU A 785 10.83 3.99 -25.02
CA LEU A 785 9.72 4.77 -25.52
C LEU A 785 9.42 6.03 -24.72
N ASP A 786 10.07 7.13 -25.06
CA ASP A 786 9.97 8.32 -24.24
C ASP A 786 8.56 8.90 -24.34
N ASN A 787 8.16 9.55 -23.25
CA ASN A 787 6.90 10.26 -23.16
C ASN A 787 5.73 9.39 -23.58
N THR A 788 5.67 8.22 -22.99
CA THR A 788 4.68 7.20 -23.27
C THR A 788 4.19 6.57 -21.99
N GLU A 789 2.89 6.38 -21.86
CA GLU A 789 2.27 5.61 -20.77
C GLU A 789 1.51 4.46 -21.41
N ILE A 790 1.81 3.22 -21.01
CA ILE A 790 1.16 2.06 -21.59
C ILE A 790 0.00 1.65 -20.69
N VAL A 791 -1.19 1.55 -21.24
CA VAL A 791 -2.39 1.16 -20.53
C VAL A 791 -2.94 -0.15 -21.05
N MET A 792 -3.42 -0.99 -20.16
CA MET A 792 -4.17 -2.20 -20.46
C MET A 792 -5.65 -1.95 -20.24
N ARG A 793 -6.45 -2.10 -21.28
CA ARG A 793 -7.88 -1.84 -21.19
C ARG A 793 -8.65 -3.12 -21.43
N LEU A 794 -9.78 -3.26 -20.72
CA LEU A 794 -10.80 -4.26 -20.93
C LEU A 794 -12.03 -3.61 -21.50
N GLU A 795 -12.56 -4.13 -22.59
CA GLU A 795 -13.76 -3.65 -23.22
C GLU A 795 -14.84 -4.70 -23.11
N THR A 796 -15.98 -4.37 -22.49
CA THR A 796 -17.12 -5.24 -22.39
C THR A 796 -18.39 -4.53 -22.81
N HIS A 797 -19.48 -5.29 -22.78
CA HIS A 797 -20.85 -4.89 -23.00
CA HIS A 797 -20.76 -4.57 -23.03
C HIS A 797 -21.57 -4.53 -21.71
N ILE A 798 -20.92 -4.59 -20.56
CA ILE A 798 -21.58 -4.36 -19.29
C ILE A 798 -22.06 -2.93 -19.23
N ASP A 799 -23.33 -2.74 -18.89
CA ASP A 799 -23.96 -1.41 -18.87
C ASP A 799 -23.70 -0.71 -17.56
N SER A 800 -22.43 -0.38 -17.30
CA SER A 800 -22.02 0.27 -16.07
C SER A 800 -22.24 1.78 -16.08
N GLY A 801 -22.45 2.40 -17.23
CA GLY A 801 -22.71 3.82 -17.28
C GLY A 801 -21.48 4.62 -16.90
N ASP A 802 -21.58 5.38 -15.84
CA ASP A 802 -20.49 6.21 -15.33
C ASP A 802 -19.97 5.69 -13.99
N ILE A 803 -20.39 4.52 -13.55
CA ILE A 803 -20.02 3.99 -12.25
C ILE A 803 -18.96 2.93 -12.34
N PHE A 804 -18.01 2.92 -11.44
CA PHE A 804 -17.03 1.87 -11.28
C PHE A 804 -16.60 1.84 -9.84
N TYR A 805 -15.87 0.80 -9.44
CA TYR A 805 -15.45 0.63 -8.06
C TYR A 805 -13.96 0.38 -8.02
N THR A 806 -13.26 1.00 -7.09
CA THR A 806 -11.85 0.79 -6.88
C THR A 806 -11.62 0.57 -5.39
N ASP A 807 -10.51 -0.04 -5.00
CA ASP A 807 -10.26 -0.24 -3.57
C ASP A 807 -9.42 0.88 -3.01
N LEU A 808 -9.47 0.94 -1.71
CA LEU A 808 -8.64 1.83 -0.87
C LEU A 808 -7.78 0.94 0.00
N ASN A 809 -6.49 0.93 -0.28
CA ASN A 809 -5.47 0.28 0.54
C ASN A 809 -5.72 -1.19 0.75
N GLY A 810 -6.38 -1.88 -0.19
CA GLY A 810 -6.66 -3.27 -0.01
C GLY A 810 -7.65 -3.58 1.06
N LEU A 811 -8.35 -2.59 1.60
CA LEU A 811 -9.24 -2.75 2.74
C LEU A 811 -10.73 -2.67 2.39
N GLN A 812 -11.12 -1.84 1.44
CA GLN A 812 -12.51 -1.56 1.17
C GLN A 812 -12.64 -1.12 -0.29
N PHE A 813 -13.81 -1.30 -0.88
CA PHE A 813 -14.14 -0.87 -2.22
C PHE A 813 -15.06 0.34 -2.14
N ILE A 814 -14.70 1.39 -2.87
CA ILE A 814 -15.47 2.66 -2.89
C ILE A 814 -16.04 2.84 -4.28
N LYS A 815 -17.29 3.28 -4.32
CA LYS A 815 -17.93 3.69 -5.57
C LYS A 815 -17.31 4.96 -6.11
N ARG A 816 -16.99 4.88 -7.41
CA ARG A 816 -16.50 6.01 -8.19
C ARG A 816 -17.55 6.39 -9.23
N ARG A 817 -17.61 7.67 -9.53
CA ARG A 817 -18.43 8.11 -10.70
C ARG A 817 -17.54 8.91 -11.61
N ARG A 818 -17.44 8.48 -12.87
CA ARG A 818 -16.72 9.20 -13.89
CA ARG A 818 -16.71 9.21 -13.89
C ARG A 818 -17.46 10.52 -14.11
N LEU A 819 -16.72 11.62 -14.12
CA LEU A 819 -17.27 12.98 -14.27
C LEU A 819 -16.70 13.62 -15.51
N ASP A 820 -17.56 13.81 -16.50
CA ASP A 820 -17.11 14.42 -17.74
C ASP A 820 -16.80 15.92 -17.59
N LYS A 821 -17.25 16.52 -16.49
CA LYS A 821 -16.89 17.92 -16.21
C LYS A 821 -15.45 18.05 -15.73
N LEU A 822 -14.79 16.93 -15.41
CA LEU A 822 -13.38 16.92 -15.02
C LEU A 822 -12.55 16.30 -16.14
N PRO A 823 -11.28 16.66 -16.25
CA PRO A 823 -10.45 16.08 -17.32
C PRO A 823 -10.15 14.62 -17.04
N LEU A 824 -9.68 13.93 -18.09
CA LEU A 824 -9.40 12.52 -18.08
C LEU A 824 -8.61 12.12 -16.83
N GLN A 825 -7.52 12.82 -16.56
CA GLN A 825 -6.62 12.44 -15.49
C GLN A 825 -7.27 12.53 -14.11
N ALA A 826 -8.34 13.31 -13.97
CA ALA A 826 -9.08 13.43 -12.72
C ALA A 826 -9.91 12.18 -12.45
N ASN A 827 -10.22 11.45 -13.53
CA ASN A 827 -11.06 10.25 -13.40
C ASN A 827 -10.20 9.01 -13.18
N TYR A 828 -8.89 9.16 -13.06
CA TYR A 828 -7.98 8.14 -12.64
C TYR A 828 -7.89 8.11 -11.14
N TYR A 829 -7.91 6.90 -10.58
CA TYR A 829 -7.87 6.59 -9.16
C TYR A 829 -6.82 5.56 -8.87
N PRO A 830 -6.40 5.43 -7.59
CA PRO A 830 -5.50 4.34 -7.24
C PRO A 830 -6.24 3.03 -7.39
N ILE A 831 -5.54 2.01 -7.89
CA ILE A 831 -6.00 0.63 -7.92
C ILE A 831 -5.03 -0.21 -7.08
N PRO A 832 -5.12 -0.07 -5.75
CA PRO A 832 -4.13 -0.75 -4.91
C PRO A 832 -4.33 -2.24 -4.87
N SER A 833 -5.48 -2.78 -5.12
CA SER A 833 -5.68 -4.21 -5.17
C SER A 833 -6.79 -4.68 -6.09
N GLY A 834 -7.69 -3.82 -6.55
CA GLY A 834 -8.71 -4.29 -7.47
C GLY A 834 -9.66 -3.19 -7.89
N MET A 835 -10.43 -3.53 -8.90
CA MET A 835 -11.44 -2.64 -9.47
C MET A 835 -12.52 -3.50 -10.11
N PHE A 836 -13.74 -2.93 -10.20
CA PHE A 836 -14.80 -3.65 -10.92
C PHE A 836 -15.82 -2.68 -11.51
N ILE A 837 -16.52 -3.21 -12.51
CA ILE A 837 -17.71 -2.60 -13.08
C ILE A 837 -18.83 -3.64 -13.04
N GLU A 838 -20.07 -3.17 -13.00
CA GLU A 838 -21.21 -4.07 -12.98
C GLU A 838 -22.46 -3.37 -13.51
N ASP A 839 -23.39 -4.19 -13.96
CA ASP A 839 -24.76 -3.74 -14.22
C ASP A 839 -25.67 -4.64 -13.41
N ALA A 840 -26.97 -4.66 -13.77
CA ALA A 840 -27.90 -5.46 -13.01
C ALA A 840 -27.53 -6.93 -12.97
N ASN A 841 -26.94 -7.44 -14.03
CA ASN A 841 -26.74 -8.88 -14.13
C ASN A 841 -25.30 -9.35 -14.10
N THR A 842 -24.33 -8.53 -14.52
CA THR A 842 -22.97 -9.01 -14.77
C THR A 842 -21.97 -8.06 -14.10
N ARG A 843 -20.91 -8.69 -13.59
CA ARG A 843 -19.79 -7.93 -13.02
C ARG A 843 -18.47 -8.44 -13.62
N LEU A 844 -17.55 -7.53 -13.85
CA LEU A 844 -16.17 -7.86 -14.21
C LEU A 844 -15.28 -7.21 -13.15
N THR A 845 -14.49 -8.07 -12.45
CA THR A 845 -13.56 -7.66 -11.43
C THR A 845 -12.15 -7.97 -11.89
N LEU A 846 -11.24 -7.00 -11.81
CA LEU A 846 -9.80 -7.16 -12.06
C LEU A 846 -9.09 -6.96 -10.75
N LEU A 847 -8.45 -8.02 -10.25
CA LEU A 847 -7.63 -7.99 -9.05
C LEU A 847 -6.19 -7.82 -9.45
N THR A 848 -5.43 -7.06 -8.65
CA THR A 848 -4.02 -6.78 -8.97
CA THR A 848 -4.02 -6.75 -8.98
C THR A 848 -3.08 -7.26 -7.87
N GLY A 849 -1.88 -7.61 -8.30
CA GLY A 849 -0.79 -7.91 -7.37
C GLY A 849 0.17 -6.79 -7.12
N GLN A 850 -0.22 -5.59 -7.50
CA GLN A 850 0.62 -4.40 -7.39
C GLN A 850 -0.30 -3.17 -7.51
N PRO A 851 -0.04 -2.10 -6.82
CA PRO A 851 -0.84 -0.88 -7.00
C PRO A 851 -0.47 -0.18 -8.28
N LEU A 852 -1.47 0.22 -9.04
CA LEU A 852 -1.35 0.89 -10.33
C LEU A 852 -2.49 1.89 -10.44
N GLY A 853 -2.43 2.82 -11.37
CA GLY A 853 -3.55 3.73 -11.58
C GLY A 853 -4.53 3.21 -12.59
N GLY A 854 -5.79 3.60 -12.47
CA GLY A 854 -6.76 3.12 -13.44
C GLY A 854 -8.08 3.85 -13.36
N SER A 855 -8.97 3.46 -14.25
CA SER A 855 -10.25 4.16 -14.41
C SER A 855 -11.22 3.28 -15.18
N SER A 856 -12.43 3.80 -15.34
CA SER A 856 -13.41 3.36 -16.35
C SER A 856 -13.82 4.59 -17.14
N LEU A 857 -13.26 4.79 -18.34
CA LEU A 857 -13.48 6.05 -19.07
C LEU A 857 -14.71 6.01 -19.96
N ALA A 858 -15.32 4.85 -20.07
CA ALA A 858 -16.58 4.69 -20.81
C ALA A 858 -17.29 3.49 -20.25
N SER A 859 -18.60 3.47 -20.40
CA SER A 859 -19.42 2.37 -19.93
C SER A 859 -18.88 1.05 -20.47
N GLY A 860 -18.79 0.05 -19.61
CA GLY A 860 -18.30 -1.27 -20.00
C GLY A 860 -16.80 -1.40 -19.99
N GLU A 861 -16.01 -0.36 -19.71
CA GLU A 861 -14.55 -0.43 -19.76
C GLU A 861 -13.93 -0.46 -18.38
N LEU A 862 -12.80 -1.12 -18.28
CA LEU A 862 -11.84 -0.97 -17.18
C LEU A 862 -10.50 -0.68 -17.82
N GLU A 863 -9.62 0.09 -17.19
CA GLU A 863 -8.25 0.22 -17.67
C GLU A 863 -7.33 0.46 -16.50
N ILE A 864 -6.10 0.00 -16.67
CA ILE A 864 -5.09 0.07 -15.62
C ILE A 864 -3.73 0.33 -16.30
N MET A 865 -3.02 1.34 -15.81
CA MET A 865 -1.75 1.72 -16.36
C MET A 865 -0.67 0.70 -16.00
N GLN A 866 0.19 0.38 -16.95
CA GLN A 866 1.25 -0.61 -16.75
C GLN A 866 2.60 0.01 -16.40
N ASP A 867 3.01 1.04 -17.14
CA ASP A 867 4.22 1.78 -16.86
C ASP A 867 4.15 3.12 -17.60
N ARG A 868 5.06 4.00 -17.25
CA ARG A 868 5.11 5.34 -17.83
C ARG A 868 6.56 5.78 -17.86
N ARG A 869 6.96 6.38 -18.98
CA ARG A 869 8.36 6.84 -19.19
C ARG A 869 8.21 8.29 -19.65
N LEU A 870 8.77 9.20 -18.89
CA LEU A 870 8.49 10.65 -19.03
C LEU A 870 9.78 11.40 -19.04
N ALA A 871 10.01 12.19 -20.06
CA ALA A 871 11.30 12.89 -20.16
C ALA A 871 11.35 14.16 -19.33
N SER A 872 10.18 14.73 -18.97
CA SER A 872 10.18 16.00 -18.26
C SER A 872 9.92 15.90 -16.78
N ASP A 873 10.44 16.86 -16.04
CA ASP A 873 10.03 17.13 -14.67
C ASP A 873 8.71 17.84 -14.64
N ASP A 874 7.91 17.60 -13.63
CA ASP A 874 6.57 18.14 -13.52
C ASP A 874 6.45 19.17 -12.38
N GLU A 875 7.54 19.83 -12.04
CA GLU A 875 7.51 21.07 -11.26
C GLU A 875 7.01 20.85 -9.85
N ARG A 876 7.20 19.67 -9.30
CA ARG A 876 6.81 19.38 -7.90
C ARG A 876 8.02 19.09 -7.03
N GLY A 877 9.23 19.34 -7.52
CA GLY A 877 10.44 19.27 -6.69
C GLY A 877 11.35 18.11 -6.98
N LEU A 878 10.92 17.14 -7.80
CA LEU A 878 11.78 15.96 -8.06
C LEU A 878 12.98 16.30 -8.89
N GLY A 879 12.82 17.20 -9.85
CA GLY A 879 13.91 17.68 -10.66
C GLY A 879 14.48 16.65 -11.61
N GLN A 880 13.66 15.70 -12.07
CA GLN A 880 14.05 14.76 -13.12
C GLN A 880 12.74 14.21 -13.72
N GLY A 881 12.86 13.66 -14.92
CA GLY A 881 11.85 12.81 -15.53
C GLY A 881 11.86 11.43 -14.88
N VAL A 882 11.06 10.55 -15.48
CA VAL A 882 11.05 9.12 -15.14
C VAL A 882 11.60 8.36 -16.33
N LEU A 883 12.92 8.11 -16.28
CA LEU A 883 13.65 7.52 -17.40
C LEU A 883 14.44 6.30 -16.92
N ASP A 884 14.07 5.74 -15.78
CA ASP A 884 14.78 4.62 -15.13
C ASP A 884 13.93 3.37 -15.11
N ASN A 885 13.03 3.25 -16.07
CA ASN A 885 12.17 2.06 -16.13
C ASN A 885 12.98 0.79 -16.21
N LYS A 886 12.45 -0.28 -15.69
CA LYS A 886 13.02 -1.61 -15.80
C LYS A 886 11.91 -2.62 -15.99
N PRO A 887 12.20 -3.77 -16.58
CA PRO A 887 11.14 -4.75 -16.78
C PRO A 887 10.52 -5.16 -15.44
N VAL A 888 9.20 -5.31 -15.47
CA VAL A 888 8.42 -5.67 -14.32
C VAL A 888 7.37 -6.68 -14.77
N LEU A 889 7.11 -7.67 -13.92
CA LEU A 889 6.07 -8.65 -14.13
C LEU A 889 4.85 -8.31 -13.29
N HIS A 890 3.84 -7.72 -13.93
CA HIS A 890 2.59 -7.43 -13.27
C HIS A 890 1.67 -8.63 -13.30
N ILE A 891 0.93 -8.87 -12.22
CA ILE A 891 0.06 -10.01 -12.10
C ILE A 891 -1.37 -9.57 -11.76
N TYR A 892 -2.34 -10.31 -12.26
CA TYR A 892 -3.73 -10.03 -12.12
C TYR A 892 -4.58 -11.28 -12.08
N ARG A 893 -5.81 -11.14 -11.57
CA ARG A 893 -6.85 -12.17 -11.81
C ARG A 893 -8.06 -11.45 -12.40
N LEU A 894 -8.76 -12.14 -13.30
CA LEU A 894 -9.92 -11.60 -14.01
C LEU A 894 -11.13 -12.46 -13.69
N VAL A 895 -12.13 -11.85 -13.06
CA VAL A 895 -13.30 -12.60 -12.61
C VAL A 895 -14.56 -12.04 -13.23
N LEU A 896 -15.17 -12.75 -14.16
CA LEU A 896 -16.45 -12.44 -14.74
C LEU A 896 -17.52 -13.21 -13.98
N GLU A 897 -18.56 -12.58 -13.51
CA GLU A 897 -19.57 -13.24 -12.70
C GLU A 897 -20.98 -12.71 -13.00
N LYS A 898 -21.93 -13.60 -12.81
CA LYS A 898 -23.33 -13.18 -12.77
C LYS A 898 -23.63 -12.70 -11.35
N VAL A 899 -24.21 -11.50 -11.27
CA VAL A 899 -24.48 -10.90 -9.94
C VAL A 899 -25.95 -10.56 -9.73
N ASN A 900 -26.84 -10.96 -10.67
CA ASN A 900 -28.27 -10.61 -10.45
C ASN A 900 -28.86 -11.21 -9.17
N ASN A 901 -28.32 -12.30 -8.67
CA ASN A 901 -28.86 -12.90 -7.45
C ASN A 901 -28.17 -12.38 -6.20
N CYS A 902 -27.16 -11.55 -6.32
CA CYS A 902 -26.45 -11.08 -5.14
C CYS A 902 -27.22 -10.00 -4.39
N VAL A 903 -27.12 -10.00 -3.09
CA VAL A 903 -27.70 -8.93 -2.27
C VAL A 903 -26.70 -7.79 -2.23
N ARG A 904 -26.96 -6.75 -3.02
CA ARG A 904 -26.03 -5.64 -3.14
C ARG A 904 -26.55 -4.43 -2.38
N PRO A 905 -25.66 -3.48 -2.12
CA PRO A 905 -26.13 -2.23 -1.50
C PRO A 905 -27.09 -1.51 -2.46
N SER A 906 -27.88 -0.58 -1.89
CA SER A 906 -28.78 0.23 -2.69
C SER A 906 -28.00 1.17 -3.57
N LYS A 907 -28.69 1.72 -4.48
CA LYS A 907 -28.06 2.68 -5.39
C LYS A 907 -27.45 3.87 -4.70
N LEU A 908 -27.87 4.27 -3.50
CA LEU A 908 -27.32 5.47 -2.83
C LEU A 908 -26.14 5.11 -1.94
N HIS A 909 -25.84 3.81 -1.76
CA HIS A 909 -24.73 3.47 -0.85
C HIS A 909 -23.36 3.73 -1.48
N PRO A 910 -22.44 4.33 -0.77
CA PRO A 910 -21.14 4.68 -1.39
C PRO A 910 -20.13 3.53 -1.46
N ALA A 911 -20.42 2.34 -0.96
CA ALA A 911 -19.48 1.23 -0.98
C ALA A 911 -19.90 0.17 -1.97
N GLY A 912 -18.94 -0.68 -2.35
CA GLY A 912 -19.22 -1.96 -2.96
C GLY A 912 -18.44 -3.06 -2.25
N TYR A 913 -18.77 -4.31 -2.57
CA TYR A 913 -18.20 -5.48 -1.93
C TYR A 913 -17.90 -6.56 -2.95
N LEU A 914 -16.82 -7.28 -2.73
CA LEU A 914 -16.43 -8.41 -3.56
C LEU A 914 -17.33 -9.60 -3.30
N THR A 915 -17.38 -10.46 -4.33
CA THR A 915 -17.85 -11.82 -4.18
C THR A 915 -16.77 -12.69 -3.56
N SER A 916 -17.17 -13.88 -3.09
CA SER A 916 -16.22 -14.88 -2.59
CA SER A 916 -16.20 -14.85 -2.58
C SER A 916 -15.14 -15.17 -3.61
N ALA A 917 -15.49 -15.41 -4.88
CA ALA A 917 -14.49 -15.78 -5.85
C ALA A 917 -13.49 -14.67 -6.09
N ALA A 918 -13.95 -13.41 -6.12
CA ALA A 918 -13.04 -12.30 -6.33
C ALA A 918 -12.10 -12.08 -5.14
N HIS A 919 -12.65 -12.24 -3.93
CA HIS A 919 -11.80 -12.15 -2.75
C HIS A 919 -10.73 -13.24 -2.73
N LYS A 920 -11.12 -14.47 -3.02
CA LYS A 920 -10.13 -15.55 -3.05
C LYS A 920 -9.08 -15.29 -4.13
N ALA A 921 -9.50 -14.75 -5.27
CA ALA A 921 -8.56 -14.43 -6.34
C ALA A 921 -7.59 -13.35 -5.88
N SER A 922 -8.04 -12.36 -5.14
CA SER A 922 -7.13 -11.35 -4.58
C SER A 922 -6.13 -11.98 -3.63
N GLN A 923 -6.62 -12.88 -2.75
CA GLN A 923 -5.71 -13.58 -1.83
C GLN A 923 -4.68 -14.41 -2.58
N SER A 924 -5.06 -15.00 -3.70
CA SER A 924 -4.16 -15.79 -4.53
CA SER A 924 -4.10 -15.82 -4.46
C SER A 924 -2.99 -14.95 -5.03
N LEU A 925 -3.23 -13.66 -5.28
CA LEU A 925 -2.21 -12.76 -5.75
C LEU A 925 -1.36 -12.24 -4.59
N LEU A 926 -2.00 -11.84 -3.50
CA LEU A 926 -1.25 -11.17 -2.44
C LEU A 926 -0.61 -12.11 -1.46
N ASP A 927 -1.20 -13.24 -1.15
CA ASP A 927 -0.68 -14.16 -0.18
C ASP A 927 -0.72 -15.61 -0.74
N PRO A 928 0.07 -15.86 -1.77
CA PRO A 928 0.17 -17.20 -2.35
C PRO A 928 0.82 -18.15 -1.37
N LEU A 929 0.75 -19.45 -1.66
CA LEU A 929 1.59 -20.39 -0.96
C LEU A 929 3.04 -20.05 -1.15
N ASP A 930 3.83 -20.22 -0.06
CA ASP A 930 5.30 -20.11 -0.20
C ASP A 930 5.87 -21.49 -0.49
N LYS A 931 6.93 -21.51 -1.27
CA LYS A 931 7.53 -22.78 -1.70
C LYS A 931 8.97 -22.82 -1.28
N PHE A 932 9.38 -23.94 -0.68
CA PHE A 932 10.72 -24.16 -0.14
C PHE A 932 11.31 -25.43 -0.75
N ILE A 933 12.55 -25.37 -1.18
CA ILE A 933 13.27 -26.51 -1.74
C ILE A 933 14.35 -26.91 -0.77
N PHE A 934 14.39 -28.15 -0.30
CA PHE A 934 15.41 -28.57 0.64
C PHE A 934 16.78 -28.54 -0.05
N ALA A 935 17.77 -27.89 0.60
CA ALA A 935 19.00 -27.58 -0.07
C ALA A 935 19.98 -28.75 -0.11
N GLU A 936 20.01 -29.60 0.88
CA GLU A 936 20.95 -30.70 1.03
CA GLU A 936 21.02 -30.67 0.87
C GLU A 936 20.38 -31.94 0.33
N ASN A 937 21.20 -33.02 0.30
CA ASN A 937 20.70 -34.20 -0.41
C ASN A 937 19.70 -34.98 0.42
N GLU A 938 19.80 -35.05 1.71
CA GLU A 938 18.91 -35.84 2.55
C GLU A 938 18.46 -35.01 3.77
N TRP A 939 17.17 -34.97 3.99
CA TRP A 939 16.56 -34.36 5.18
C TRP A 939 16.24 -35.44 6.21
N ILE A 940 17.11 -35.56 7.20
CA ILE A 940 16.92 -36.57 8.24
C ILE A 940 15.87 -36.10 9.24
N GLY A 941 14.89 -36.94 9.54
CA GLY A 941 13.89 -36.54 10.50
C GLY A 941 12.73 -35.74 9.93
N ALA A 942 12.62 -35.68 8.63
CA ALA A 942 11.56 -34.92 7.96
C ALA A 942 10.17 -35.38 8.33
N GLN A 943 9.27 -34.43 8.49
CA GLN A 943 7.88 -34.67 8.77
C GLN A 943 6.99 -34.17 7.63
N GLY A 944 5.79 -34.73 7.52
CA GLY A 944 4.95 -34.47 6.38
C GLY A 944 4.08 -33.25 6.44
N GLN A 945 3.75 -32.76 7.62
CA GLN A 945 2.76 -31.70 7.77
C GLN A 945 2.93 -31.01 9.09
N PHE A 946 2.58 -29.72 9.11
CA PHE A 946 2.43 -28.93 10.31
C PHE A 946 1.11 -28.21 10.22
N GLY A 947 0.36 -28.15 11.32
CA GLY A 947 -0.85 -27.38 11.37
C GLY A 947 -2.13 -28.04 11.00
N GLY A 948 -2.10 -29.39 10.87
CA GLY A 948 -3.31 -30.06 10.52
C GLY A 948 -4.43 -29.92 11.53
N ASP A 949 -4.11 -29.58 12.78
CA ASP A 949 -5.10 -29.31 13.81
C ASP A 949 -5.50 -27.84 13.96
N HIS A 950 -4.91 -26.97 13.15
CA HIS A 950 -5.32 -25.57 13.16
C HIS A 950 -6.73 -25.38 12.66
N PRO A 951 -7.57 -24.57 13.31
CA PRO A 951 -8.93 -24.36 12.77
C PRO A 951 -8.91 -23.75 11.38
N SER A 952 -9.87 -24.19 10.57
CA SER A 952 -10.07 -23.65 9.23
C SER A 952 -11.22 -22.68 9.24
N ALA A 953 -10.87 -21.40 9.30
CA ALA A 953 -11.82 -20.34 9.58
C ALA A 953 -12.65 -19.95 8.37
N ARG A 954 -13.78 -19.31 8.61
CA ARG A 954 -14.63 -18.80 7.56
CA ARG A 954 -14.60 -18.81 7.55
C ARG A 954 -13.83 -17.98 6.55
N GLU A 955 -14.22 -18.05 5.29
CA GLU A 955 -13.44 -17.53 4.20
C GLU A 955 -13.23 -16.01 4.28
N ASP A 956 -14.12 -15.29 4.94
CA ASP A 956 -13.99 -13.84 5.02
C ASP A 956 -13.07 -13.36 6.14
N LEU A 957 -12.55 -14.29 6.93
CA LEU A 957 -11.69 -13.93 8.07
C LEU A 957 -10.24 -14.21 7.72
N ASP A 958 -9.36 -13.30 8.10
CA ASP A 958 -7.93 -13.48 7.93
C ASP A 958 -7.22 -13.16 9.24
N VAL A 959 -6.10 -13.87 9.44
CA VAL A 959 -5.10 -13.56 10.45
C VAL A 959 -4.05 -12.72 9.75
N SER A 960 -4.26 -11.42 9.69
CA SER A 960 -3.46 -10.50 8.95
C SER A 960 -2.03 -10.44 9.46
N VAL A 961 -1.89 -10.55 10.80
CA VAL A 961 -0.60 -10.51 11.50
C VAL A 961 -0.63 -11.59 12.58
N MET A 962 0.44 -12.36 12.66
CA MET A 962 0.77 -13.17 13.83
C MET A 962 2.22 -12.81 14.16
N ARG A 963 2.46 -12.31 15.39
CA ARG A 963 3.77 -11.79 15.76
C ARG A 963 4.07 -12.14 17.21
N ARG A 964 5.14 -12.89 17.47
CA ARG A 964 5.55 -13.06 18.89
C ARG A 964 6.15 -11.73 19.35
N LEU A 965 5.72 -11.28 20.52
CA LEU A 965 6.02 -9.97 21.04
C LEU A 965 7.13 -9.98 22.07
N THR A 966 7.55 -11.12 22.52
CA THR A 966 8.52 -11.32 23.60
C THR A 966 9.70 -12.11 23.09
N LYS A 967 10.88 -11.77 23.62
CA LYS A 967 12.09 -12.54 23.41
C LYS A 967 12.13 -13.73 24.36
N SER A 968 13.07 -14.61 24.16
CA SER A 968 13.03 -15.90 24.86
C SER A 968 13.25 -15.78 26.35
N SER A 969 13.82 -14.67 26.82
CA SER A 969 14.07 -14.50 28.25
C SER A 969 12.83 -14.21 29.04
N ALA A 970 11.74 -13.82 28.43
CA ALA A 970 10.53 -13.47 29.15
C ALA A 970 9.90 -14.72 29.70
N LYS A 971 9.61 -14.76 31.00
CA LYS A 971 8.91 -15.88 31.61
C LYS A 971 7.50 -16.06 31.04
N THR A 972 6.78 -14.95 30.79
CA THR A 972 5.46 -14.97 30.16
C THR A 972 5.62 -14.59 28.70
N GLN A 973 5.49 -15.54 27.80
CA GLN A 973 5.54 -15.24 26.37
C GLN A 973 4.25 -14.59 25.93
N ARG A 974 4.35 -13.68 24.96
CA ARG A 974 3.17 -13.00 24.42
C ARG A 974 3.16 -13.09 22.90
N VAL A 975 2.01 -13.42 22.34
CA VAL A 975 1.86 -13.47 20.86
C VAL A 975 0.71 -12.57 20.49
N GLY A 976 0.94 -11.70 19.50
CA GLY A 976 -0.09 -10.80 19.00
C GLY A 976 -0.64 -11.26 17.68
N TYR A 977 -1.94 -11.05 17.53
CA TYR A 977 -2.68 -11.35 16.30
C TYR A 977 -3.53 -10.14 15.91
N VAL A 978 -3.52 -9.84 14.61
CA VAL A 978 -4.48 -8.89 14.04
C VAL A 978 -5.42 -9.73 13.17
N LEU A 979 -6.72 -9.64 13.49
CA LEU A 979 -7.79 -10.36 12.81
CA LEU A 979 -7.72 -10.38 12.71
C LEU A 979 -8.56 -9.37 11.96
N HIS A 980 -8.73 -9.63 10.67
CA HIS A 980 -9.55 -8.79 9.82
C HIS A 980 -10.64 -9.62 9.19
N ARG A 981 -11.89 -9.16 9.28
CA ARG A 981 -12.95 -9.81 8.52
CA ARG A 981 -12.96 -9.80 8.52
C ARG A 981 -13.44 -8.83 7.46
N THR A 982 -13.39 -9.28 6.21
CA THR A 982 -13.95 -8.50 5.11
C THR A 982 -15.46 -8.74 5.07
N ASN A 983 -16.13 -8.17 4.07
CA ASN A 983 -17.55 -8.43 3.82
C ASN A 983 -17.72 -8.88 2.37
N LEU A 984 -18.23 -10.08 2.20
CA LEU A 984 -18.45 -10.68 0.90
C LEU A 984 -19.93 -10.68 0.59
N MET A 985 -20.25 -10.47 -0.68
CA MET A 985 -21.70 -10.49 -1.00
CA MET A 985 -21.65 -10.52 -1.11
C MET A 985 -22.35 -11.82 -0.85
N GLN A 986 -23.63 -11.81 -0.43
CA GLN A 986 -24.47 -12.97 -0.36
C GLN A 986 -25.05 -13.25 -1.73
N CYS A 987 -24.71 -14.37 -2.37
CA CYS A 987 -25.19 -14.59 -3.73
C CYS A 987 -25.87 -15.96 -3.86
N GLY A 988 -26.18 -16.56 -2.72
CA GLY A 988 -26.83 -17.86 -2.80
C GLY A 988 -25.86 -19.02 -2.84
N THR A 989 -24.60 -18.83 -2.50
CA THR A 989 -23.58 -19.85 -2.36
C THR A 989 -23.03 -20.00 -0.93
N PRO A 990 -23.75 -20.59 0.01
CA PRO A 990 -23.35 -20.75 1.41
C PRO A 990 -21.86 -20.94 1.72
N GLU A 991 -21.23 -21.91 1.05
CA GLU A 991 -19.83 -22.22 1.29
C GLU A 991 -19.51 -22.20 2.78
N GLU A 992 -20.13 -23.12 3.50
CA GLU A 992 -20.25 -23.02 4.95
C GLU A 992 -19.45 -24.10 5.67
N HIS A 993 -20.12 -24.86 6.53
CA HIS A 993 -19.49 -25.42 7.74
C HIS A 993 -18.01 -25.08 7.90
N THR A 994 -17.72 -24.18 8.83
CA THR A 994 -16.34 -23.87 9.16
C THR A 994 -16.13 -23.80 10.65
N GLN A 995 -14.87 -23.89 11.07
CA GLN A 995 -14.59 -23.95 12.48
C GLN A 995 -14.35 -22.55 13.03
N LYS A 996 -14.79 -22.30 14.24
CA LYS A 996 -14.46 -21.04 14.92
C LYS A 996 -12.95 -20.93 15.12
N LEU A 997 -12.39 -19.76 14.83
CA LEU A 997 -10.98 -19.54 15.14
C LEU A 997 -10.84 -18.72 16.42
N ASP A 998 -10.18 -19.28 17.39
CA ASP A 998 -9.81 -18.55 18.62
C ASP A 998 -8.31 -18.45 18.61
N VAL A 999 -7.79 -17.28 18.22
CA VAL A 999 -6.35 -17.19 18.16
C VAL A 999 -5.65 -17.37 19.50
N CYS A 1000 -6.37 -17.10 20.61
CA CYS A 1000 -5.65 -17.21 21.90
C CYS A 1000 -5.34 -18.63 22.30
N HIS A 1001 -5.95 -19.63 21.66
CA HIS A 1001 -5.60 -21.01 21.91
C HIS A 1001 -4.76 -21.63 20.80
N LEU A 1002 -4.18 -20.87 19.87
CA LEU A 1002 -3.32 -21.46 18.87
C LEU A 1002 -1.99 -21.95 19.42
N LEU A 1003 -1.47 -21.33 20.46
CA LEU A 1003 -0.31 -21.82 21.17
C LEU A 1003 -0.76 -22.37 22.54
N PRO A 1004 -0.05 -23.38 23.02
CA PRO A 1004 -0.46 -24.02 24.27
C PRO A 1004 -0.13 -23.20 25.51
N ASN A 1005 -0.69 -23.64 26.62
CA ASN A 1005 -0.48 -23.07 27.94
C ASN A 1005 -0.90 -21.61 28.00
N VAL A 1006 -2.01 -21.24 27.36
CA VAL A 1006 -2.47 -19.86 27.48
C VAL A 1006 -2.87 -19.57 28.92
N ALA A 1007 -2.47 -18.44 29.40
CA ALA A 1007 -2.77 -17.99 30.74
C ALA A 1007 -3.61 -16.73 30.73
N ARG A 1008 -3.66 -15.98 29.61
CA ARG A 1008 -4.43 -14.75 29.54
C ARG A 1008 -4.63 -14.44 28.07
N CYS A 1009 -5.75 -13.83 27.75
CA CYS A 1009 -6.01 -13.34 26.40
C CYS A 1009 -6.58 -11.93 26.55
N GLU A 1010 -6.05 -10.98 25.81
CA GLU A 1010 -6.46 -9.59 25.92
C GLU A 1010 -6.77 -9.04 24.51
N ARG A 1011 -7.83 -8.27 24.39
CA ARG A 1011 -8.00 -7.42 23.22
C ARG A 1011 -7.15 -6.17 23.40
N THR A 1012 -6.46 -5.77 22.33
CA THR A 1012 -5.56 -4.65 22.35
C THR A 1012 -5.86 -3.68 21.20
N THR A 1013 -5.26 -2.49 21.29
CA THR A 1013 -5.14 -1.68 20.08
C THR A 1013 -4.39 -2.41 19.00
N LEU A 1014 -4.49 -1.96 17.75
CA LEU A 1014 -3.94 -2.72 16.62
C LEU A 1014 -2.43 -2.77 16.61
N THR A 1015 -1.78 -1.85 17.33
CA THR A 1015 -0.36 -1.78 17.52
C THR A 1015 0.16 -2.68 18.66
N PHE A 1016 -0.77 -3.29 19.38
CA PHE A 1016 -0.51 -4.16 20.54
C PHE A 1016 -0.08 -3.37 21.76
N LEU A 1017 -0.16 -2.02 21.75
CA LEU A 1017 0.47 -1.25 22.83
C LEU A 1017 -0.44 -0.93 23.98
N GLN A 1018 -1.71 -1.17 23.94
CA GLN A 1018 -2.65 -0.91 25.04
C GLN A 1018 -3.69 -2.01 25.12
N ASN A 1019 -3.85 -2.54 26.35
CA ASN A 1019 -4.85 -3.56 26.61
C ASN A 1019 -6.21 -2.90 26.75
N LEU A 1020 -7.19 -3.40 26.02
CA LEU A 1020 -8.50 -2.82 26.06
C LEU A 1020 -9.55 -3.68 26.76
N GLU A 1021 -9.38 -4.98 26.78
CA GLU A 1021 -10.33 -5.88 27.42
C GLU A 1021 -9.61 -7.14 27.86
N HIS A 1022 -9.87 -7.62 29.05
CA HIS A 1022 -9.41 -8.93 29.50
C HIS A 1022 -10.48 -9.96 29.15
N LEU A 1023 -10.10 -10.95 28.38
CA LEU A 1023 -11.21 -11.77 27.84
C LEU A 1023 -11.52 -12.98 28.68
N ASP A 1024 -12.78 -13.17 28.97
CA ASP A 1024 -13.25 -14.37 29.67
C ASP A 1024 -12.99 -15.63 28.88
N GLY A 1025 -12.54 -16.59 29.70
CA GLY A 1025 -12.24 -17.92 29.22
C GLY A 1025 -11.01 -17.94 28.37
N MET A 1026 -10.35 -16.83 28.17
CA MET A 1026 -9.13 -16.72 27.38
C MET A 1026 -9.46 -17.04 25.93
N VAL A 1027 -10.70 -16.68 25.57
CA VAL A 1027 -11.12 -16.87 24.18
C VAL A 1027 -11.20 -15.54 23.45
N ALA A 1028 -10.57 -15.44 22.30
CA ALA A 1028 -10.57 -14.24 21.48
C ALA A 1028 -11.74 -14.39 20.53
N PRO A 1029 -12.77 -13.58 20.63
CA PRO A 1029 -13.90 -13.75 19.71
C PRO A 1029 -13.56 -13.39 18.28
N GLU A 1030 -14.29 -13.88 17.29
CA GLU A 1030 -14.09 -13.39 15.96
C GLU A 1030 -14.80 -12.04 15.82
N VAL A 1031 -14.42 -11.40 14.74
CA VAL A 1031 -14.80 -10.01 14.54
C VAL A 1031 -15.96 -9.91 13.54
N CYS A 1032 -16.58 -8.74 13.53
CA CYS A 1032 -17.68 -8.43 12.62
C CYS A 1032 -17.19 -8.09 11.22
N PRO A 1033 -18.06 -8.22 10.21
CA PRO A 1033 -17.67 -7.79 8.85
C PRO A 1033 -17.17 -6.35 8.82
N MET A 1034 -16.10 -6.17 8.11
CA MET A 1034 -15.39 -4.90 7.94
C MET A 1034 -14.73 -4.43 9.22
N GLU A 1035 -14.62 -5.29 10.21
CA GLU A 1035 -13.88 -4.92 11.40
C GLU A 1035 -12.51 -5.59 11.46
N THR A 1036 -11.63 -4.97 12.21
CA THR A 1036 -10.26 -5.41 12.48
C THR A 1036 -10.05 -5.30 13.97
N ALA A 1037 -9.56 -6.37 14.60
CA ALA A 1037 -9.29 -6.41 16.03
C ALA A 1037 -7.91 -7.01 16.25
N ALA A 1038 -7.34 -6.70 17.39
CA ALA A 1038 -6.06 -7.24 17.79
C ALA A 1038 -6.22 -7.94 19.15
N TYR A 1039 -5.54 -9.07 19.28
CA TYR A 1039 -5.51 -9.84 20.51
C TYR A 1039 -4.08 -10.21 20.85
N VAL A 1040 -3.80 -10.28 22.16
CA VAL A 1040 -2.51 -10.79 22.60
C VAL A 1040 -2.77 -11.94 23.55
N SER A 1041 -2.19 -13.10 23.28
CA SER A 1041 -2.25 -14.23 24.18
C SER A 1041 -0.94 -14.28 24.96
N SER A 1042 -1.06 -14.59 26.25
CA SER A 1042 0.11 -14.81 27.09
C SER A 1042 0.19 -16.25 27.55
N HIS A 1043 1.41 -16.76 27.69
CA HIS A 1043 1.64 -18.19 27.85
C HIS A 1043 2.72 -18.47 28.90
N SER A 1044 2.46 -19.44 29.76
CA SER A 1044 3.27 -19.65 30.95
C SER A 1044 4.39 -20.63 30.70
N SER A 1045 4.56 -21.01 29.44
CA SER A 1045 4.19 -22.35 28.98
C SER A 1045 4.90 -23.42 29.77
#